data_5OU7
#
_entry.id   5OU7
#
_cell.length_a   78.650
_cell.length_b   44.050
_cell.length_c   117.660
_cell.angle_alpha   90.00
_cell.angle_beta   104.69
_cell.angle_gamma   90.00
#
_symmetry.space_group_name_H-M   'P 1 21 1'
#
loop_
_entity.id
_entity.type
_entity.pdbx_description
1 polymer 'Platelet glycoprotein VI'
2 non-polymer 'CHLORIDE ION'
3 non-polymer 'PHOSPHATE ION'
4 non-polymer 1-(2-METHOXY-ETHOXY)-2-{2-[2-(2-METHOXY-ETHOXY]-ETHOXY}-ETHANE
5 non-polymer 2-acetamido-2-deoxy-beta-D-glucopyranose
6 water water
#
_entity_poly.entity_id   1
_entity_poly.type   'polypeptide(L)'
_entity_poly.pdbx_seq_one_letter_code
;GSQSGPLPKPSLQALPSSLVPLEKPVTLRCQGPPGVDLYRLEKLSSSRYQDQAVLFIPAMKRSLAGRYRCSYQNGSLWSL
PSDQLELVATGVFAKPSLSAQPGSGGDVTLQCQTRYGFDQFALYKEGDPERWYRASFPIITVTAAHSGTYRCYSFSSRDP
YLWSAPSDPLELVVTGTSAAA
;
_entity_poly.pdbx_strand_id   A,B,C,D
#
# COMPACT_ATOMS: atom_id res chain seq x y z
N SER A 4 -16.80 1.05 -26.05
CA SER A 4 -15.82 1.17 -24.94
C SER A 4 -15.58 -0.21 -24.35
N GLY A 5 -14.32 -0.51 -24.09
CA GLY A 5 -13.92 -1.82 -23.61
C GLY A 5 -14.22 -2.05 -22.14
N PRO A 6 -14.14 -3.31 -21.70
CA PRO A 6 -14.49 -3.63 -20.33
C PRO A 6 -13.40 -3.26 -19.34
N LEU A 7 -13.73 -3.34 -18.06
CA LEU A 7 -12.80 -3.10 -16.95
C LEU A 7 -12.07 -4.38 -16.48
N PRO A 8 -10.97 -4.21 -15.74
CA PRO A 8 -10.16 -5.38 -15.25
C PRO A 8 -10.97 -6.21 -14.22
N LYS A 9 -10.70 -7.51 -14.13
CA LYS A 9 -11.55 -8.40 -13.32
C LYS A 9 -11.44 -8.13 -11.83
N PRO A 10 -12.50 -8.43 -11.08
CA PRO A 10 -12.44 -8.38 -9.65
C PRO A 10 -11.88 -9.68 -9.16
N SER A 11 -11.56 -9.76 -7.88
CA SER A 11 -11.26 -11.04 -7.22
C SER A 11 -12.53 -11.59 -6.57
N LEU A 12 -12.58 -12.91 -6.37
CA LEU A 12 -13.73 -13.58 -5.70
C LEU A 12 -13.11 -14.61 -4.80
N GLN A 13 -13.34 -14.44 -3.50
CA GLN A 13 -12.67 -15.21 -2.46
CA GLN A 13 -12.66 -15.23 -2.48
C GLN A 13 -13.67 -15.80 -1.50
N ALA A 14 -13.36 -17.01 -1.01
CA ALA A 14 -14.14 -17.63 0.05
C ALA A 14 -13.33 -17.58 1.35
N LEU A 15 -13.94 -17.08 2.41
CA LEU A 15 -13.31 -17.08 3.72
C LEU A 15 -14.20 -17.83 4.70
N PRO A 16 -13.60 -18.55 5.64
CA PRO A 16 -12.14 -18.63 5.78
C PRO A 16 -11.44 -19.47 4.73
N SER A 17 -12.18 -20.32 4.02
CA SER A 17 -11.63 -21.23 3.01
C SER A 17 -12.67 -21.61 1.96
N SER A 18 -12.21 -21.98 0.76
CA SER A 18 -13.13 -22.55 -0.24
C SER A 18 -13.38 -24.05 -0.07
N LEU A 19 -12.73 -24.70 0.89
CA LEU A 19 -12.99 -26.09 1.24
CA LEU A 19 -13.00 -26.07 1.21
C LEU A 19 -13.82 -26.06 2.49
N VAL A 20 -15.12 -26.36 2.38
CA VAL A 20 -15.99 -26.11 3.48
C VAL A 20 -16.71 -27.37 3.96
N PRO A 21 -16.43 -27.79 5.21
CA PRO A 21 -17.28 -28.89 5.72
C PRO A 21 -18.79 -28.57 5.74
N LEU A 22 -19.61 -29.57 5.43
CA LEU A 22 -21.05 -29.43 5.57
C LEU A 22 -21.36 -28.88 6.96
N GLU A 23 -22.32 -27.96 7.03
CA GLU A 23 -22.77 -27.29 8.27
C GLU A 23 -21.83 -26.22 8.86
N LYS A 24 -20.71 -25.93 8.22
CA LYS A 24 -19.80 -24.86 8.66
C LYS A 24 -20.02 -23.62 7.81
N PRO A 25 -19.72 -22.43 8.38
CA PRO A 25 -19.90 -21.17 7.64
C PRO A 25 -18.83 -20.86 6.62
N VAL A 26 -19.25 -20.10 5.61
CA VAL A 26 -18.27 -19.53 4.67
C VAL A 26 -18.86 -18.24 4.12
N THR A 27 -17.99 -17.27 3.88
CA THR A 27 -18.36 -16.04 3.25
C THR A 27 -17.66 -15.95 1.90
N LEU A 28 -18.44 -15.67 0.83
CA LEU A 28 -17.88 -15.30 -0.46
C LEU A 28 -17.85 -13.78 -0.61
N ARG A 29 -16.72 -13.28 -1.09
CA ARG A 29 -16.55 -11.84 -1.26
CA ARG A 29 -16.56 -11.85 -1.26
C ARG A 29 -16.02 -11.49 -2.65
N CYS A 30 -16.79 -10.69 -3.40
CA CYS A 30 -16.29 -10.13 -4.66
C CYS A 30 -15.62 -8.78 -4.33
N GLN A 31 -14.43 -8.52 -4.86
CA GLN A 31 -13.75 -7.24 -4.62
CA GLN A 31 -13.84 -7.18 -4.67
C GLN A 31 -13.12 -6.66 -5.89
N GLY A 32 -13.57 -5.46 -6.31
CA GLY A 32 -13.02 -4.76 -7.44
C GLY A 32 -12.48 -3.42 -6.93
N PRO A 33 -12.30 -2.44 -7.81
CA PRO A 33 -11.75 -1.17 -7.29
C PRO A 33 -12.76 -0.40 -6.43
N PRO A 34 -12.29 0.48 -5.54
CA PRO A 34 -13.22 1.29 -4.76
C PRO A 34 -14.17 2.12 -5.64
N GLY A 35 -15.38 2.33 -5.12
CA GLY A 35 -16.36 3.22 -5.74
C GLY A 35 -17.15 2.71 -6.95
N VAL A 36 -17.19 1.39 -7.17
CA VAL A 36 -17.97 0.87 -8.29
C VAL A 36 -19.47 0.91 -7.95
N ASP A 37 -20.30 0.83 -8.97
CA ASP A 37 -21.73 1.03 -8.82
C ASP A 37 -22.52 -0.21 -8.41
N LEU A 38 -22.12 -1.39 -8.89
CA LEU A 38 -22.88 -2.61 -8.64
CA LEU A 38 -22.86 -2.61 -8.58
C LEU A 38 -21.96 -3.80 -8.77
N TYR A 39 -22.17 -4.79 -7.93
CA TYR A 39 -21.46 -6.05 -8.02
C TYR A 39 -22.49 -7.09 -8.31
N ARG A 40 -22.14 -8.10 -9.13
CA ARG A 40 -23.09 -9.15 -9.43
C ARG A 40 -22.39 -10.47 -9.23
N LEU A 41 -22.94 -11.25 -8.32
CA LEU A 41 -22.35 -12.54 -7.93
C LEU A 41 -23.30 -13.67 -8.30
N GLU A 42 -22.83 -14.60 -9.13
CA GLU A 42 -23.68 -15.69 -9.67
C GLU A 42 -23.11 -17.08 -9.37
N LYS A 43 -24.02 -18.04 -9.36
CA LYS A 43 -23.62 -19.46 -9.30
C LYS A 43 -23.90 -20.06 -10.66
N LEU A 44 -22.87 -20.65 -11.27
CA LEU A 44 -22.98 -21.17 -12.64
C LEU A 44 -24.01 -22.33 -12.84
N SER A 45 -24.17 -23.19 -11.83
CA SER A 45 -25.07 -24.35 -11.99
C SER A 45 -26.54 -23.94 -12.17
N SER A 46 -26.96 -22.88 -11.50
CA SER A 46 -28.35 -22.41 -11.55
C SER A 46 -28.53 -21.18 -12.43
N SER A 47 -27.43 -20.50 -12.73
CA SER A 47 -27.45 -19.17 -13.36
C SER A 47 -28.37 -18.18 -12.65
N ARG A 48 -28.36 -18.27 -11.33
CA ARG A 48 -29.00 -17.31 -10.46
CA ARG A 48 -29.00 -17.27 -10.51
C ARG A 48 -27.92 -16.42 -9.88
N TYR A 49 -28.29 -15.20 -9.52
CA TYR A 49 -27.31 -14.25 -9.02
C TYR A 49 -27.91 -13.30 -8.00
N GLN A 50 -27.03 -12.56 -7.31
CA GLN A 50 -27.43 -11.48 -6.40
C GLN A 50 -26.62 -10.25 -6.77
N ASP A 51 -27.24 -9.10 -6.67
CA ASP A 51 -26.53 -7.88 -6.96
C ASP A 51 -25.87 -7.26 -5.73
N GLN A 52 -25.13 -8.08 -4.98
CA GLN A 52 -24.32 -7.65 -3.84
C GLN A 52 -22.97 -8.40 -3.81
N ALA A 53 -21.96 -7.77 -3.23
CA ALA A 53 -20.63 -8.30 -3.36
C ALA A 53 -20.38 -9.47 -2.41
N VAL A 54 -21.16 -9.55 -1.33
CA VAL A 54 -20.92 -10.52 -0.24
C VAL A 54 -22.06 -11.53 -0.15
N LEU A 55 -21.73 -12.81 -0.09
CA LEU A 55 -22.72 -13.85 0.19
C LEU A 55 -22.28 -14.61 1.44
N PHE A 56 -23.07 -14.52 2.51
CA PHE A 56 -22.80 -15.24 3.74
C PHE A 56 -23.59 -16.52 3.75
N ILE A 57 -22.89 -17.65 3.87
CA ILE A 57 -23.54 -18.95 4.00
C ILE A 57 -23.33 -19.38 5.47
N PRO A 58 -24.41 -19.35 6.28
CA PRO A 58 -24.27 -19.73 7.70
C PRO A 58 -23.90 -21.20 7.92
N ALA A 59 -24.35 -22.07 7.02
CA ALA A 59 -24.07 -23.51 7.14
C ALA A 59 -24.01 -24.15 5.76
N MET A 60 -22.84 -24.67 5.42
CA MET A 60 -22.61 -25.20 4.09
C MET A 60 -23.54 -26.38 3.79
N LYS A 61 -24.07 -26.41 2.56
CA LYS A 61 -24.96 -27.45 2.07
C LYS A 61 -24.44 -27.97 0.74
N ARG A 62 -24.75 -29.24 0.40
CA ARG A 62 -24.33 -29.84 -0.89
C ARG A 62 -24.73 -29.00 -2.08
N SER A 63 -25.94 -28.47 -2.05
CA SER A 63 -26.45 -27.69 -3.20
C SER A 63 -25.75 -26.34 -3.40
N LEU A 64 -25.00 -25.88 -2.40
CA LEU A 64 -24.27 -24.63 -2.51
C LEU A 64 -22.83 -24.80 -3.04
N ALA A 65 -22.40 -26.04 -3.21
CA ALA A 65 -21.07 -26.34 -3.76
C ALA A 65 -21.09 -26.13 -5.27
N GLY A 66 -19.94 -25.77 -5.82
CA GLY A 66 -19.84 -25.56 -7.26
C GLY A 66 -19.13 -24.26 -7.60
N ARG A 67 -19.19 -23.89 -8.87
CA ARG A 67 -18.52 -22.71 -9.37
CA ARG A 67 -18.52 -22.72 -9.37
C ARG A 67 -19.37 -21.47 -9.20
N TYR A 68 -18.73 -20.39 -8.76
CA TYR A 68 -19.30 -19.06 -8.64
C TYR A 68 -18.42 -18.11 -9.45
N ARG A 69 -19.02 -17.01 -9.83
CA ARG A 69 -18.29 -15.99 -10.59
C ARG A 69 -18.90 -14.60 -10.33
N CYS A 70 -18.11 -13.54 -10.41
CA CYS A 70 -18.68 -12.20 -10.27
C CYS A 70 -18.09 -11.19 -11.25
N SER A 71 -18.85 -10.13 -11.50
CA SER A 71 -18.46 -9.01 -12.25
C SER A 71 -18.96 -7.75 -11.57
N TYR A 72 -18.33 -6.60 -11.86
CA TYR A 72 -18.82 -5.32 -11.35
C TYR A 72 -19.18 -4.41 -12.52
N GLN A 73 -20.04 -3.45 -12.28
CA GLN A 73 -20.34 -2.43 -13.29
CA GLN A 73 -20.26 -2.43 -13.31
C GLN A 73 -20.00 -1.05 -12.74
N ASN A 74 -19.54 -0.16 -13.62
CA ASN A 74 -19.20 1.23 -13.30
C ASN A 74 -19.54 2.07 -14.51
N GLY A 75 -20.41 3.06 -14.37
CA GLY A 75 -20.95 3.78 -15.53
C GLY A 75 -21.87 2.79 -16.25
N SER A 76 -21.75 2.70 -17.57
CA SER A 76 -22.46 1.64 -18.30
C SER A 76 -21.61 0.40 -18.50
N LEU A 77 -20.36 0.43 -18.02
CA LEU A 77 -19.39 -0.56 -18.37
C LEU A 77 -19.30 -1.71 -17.36
N TRP A 78 -19.31 -2.93 -17.88
CA TRP A 78 -19.02 -4.13 -17.10
C TRP A 78 -17.53 -4.44 -17.08
N SER A 79 -17.13 -5.14 -16.02
CA SER A 79 -15.80 -5.71 -15.89
C SER A 79 -15.71 -7.03 -16.59
N LEU A 80 -14.50 -7.43 -16.92
CA LEU A 80 -14.23 -8.86 -17.14
C LEU A 80 -14.63 -9.61 -15.87
N PRO A 81 -15.11 -10.84 -16.03
CA PRO A 81 -15.55 -11.53 -14.79
C PRO A 81 -14.39 -12.08 -14.00
N SER A 82 -14.59 -12.30 -12.71
CA SER A 82 -13.58 -12.93 -11.87
C SER A 82 -13.26 -14.29 -12.38
N ASP A 83 -12.09 -14.80 -11.99
CA ASP A 83 -11.83 -16.24 -12.00
C ASP A 83 -12.96 -16.89 -11.23
N GLN A 84 -13.30 -18.07 -11.68
CA GLN A 84 -14.37 -18.82 -11.13
C GLN A 84 -13.92 -19.38 -9.80
N LEU A 85 -14.69 -19.12 -8.77
CA LEU A 85 -14.42 -19.73 -7.48
CA LEU A 85 -14.41 -19.74 -7.47
C LEU A 85 -15.03 -21.13 -7.43
N GLU A 86 -14.23 -22.12 -7.03
CA GLU A 86 -14.64 -23.50 -6.89
C GLU A 86 -14.95 -23.87 -5.45
N LEU A 87 -16.23 -23.72 -5.09
CA LEU A 87 -16.66 -23.96 -3.70
C LEU A 87 -16.94 -25.44 -3.46
N VAL A 88 -16.21 -26.00 -2.50
CA VAL A 88 -16.25 -27.41 -2.27
C VAL A 88 -16.96 -27.71 -0.95
N ALA A 89 -17.90 -28.66 -0.97
CA ALA A 89 -18.47 -29.17 0.28
C ALA A 89 -17.68 -30.43 0.71
N THR A 90 -17.08 -30.43 1.89
CA THR A 90 -16.49 -31.70 2.40
C THR A 90 -17.43 -32.42 3.37
N GLY A 91 -17.18 -33.71 3.53
CA GLY A 91 -17.90 -34.51 4.49
C GLY A 91 -19.20 -35.09 3.96
N VAL A 92 -19.32 -35.13 2.64
CA VAL A 92 -20.51 -35.67 2.00
C VAL A 92 -20.54 -37.20 2.02
N PHE A 93 -19.35 -37.83 2.01
CA PHE A 93 -19.18 -39.31 1.96
C PHE A 93 -18.29 -39.77 3.11
N ALA A 94 -18.36 -41.06 3.42
CA ALA A 94 -17.51 -41.60 4.47
C ALA A 94 -16.05 -41.35 4.15
N LYS A 95 -15.27 -41.13 5.20
CA LYS A 95 -13.85 -40.84 5.07
CA LYS A 95 -13.86 -40.84 5.04
C LYS A 95 -13.07 -42.03 4.51
N PRO A 96 -12.04 -41.75 3.67
CA PRO A 96 -11.22 -42.83 3.18
C PRO A 96 -10.17 -43.21 4.19
N SER A 97 -9.39 -44.24 3.88
CA SER A 97 -8.30 -44.65 4.77
C SER A 97 -6.90 -44.36 4.17
N LEU A 98 -6.09 -43.61 4.89
CA LEU A 98 -4.80 -43.16 4.37
C LEU A 98 -3.66 -43.96 4.99
N SER A 99 -2.76 -44.45 4.17
CA SER A 99 -1.60 -45.19 4.62
C SER A 99 -0.41 -44.72 3.83
N ALA A 100 0.79 -45.05 4.31
CA ALA A 100 1.96 -44.52 3.64
C ALA A 100 3.09 -45.49 3.87
N GLN A 101 3.95 -45.61 2.85
CA GLN A 101 5.11 -46.43 2.92
C GLN A 101 6.29 -45.71 2.29
N PRO A 102 7.49 -46.00 2.80
CA PRO A 102 8.71 -45.60 2.06
C PRO A 102 8.69 -46.04 0.61
N GLY A 103 9.05 -45.16 -0.29
CA GLY A 103 9.23 -45.53 -1.69
C GLY A 103 10.70 -45.60 -2.05
N SER A 104 11.01 -45.36 -3.31
CA SER A 104 12.38 -45.42 -3.80
C SER A 104 13.08 -44.12 -3.41
N GLY A 105 14.27 -44.21 -2.83
CA GLY A 105 14.98 -43.01 -2.34
C GLY A 105 14.21 -42.21 -1.29
N GLY A 106 13.99 -40.93 -1.59
CA GLY A 106 13.19 -40.05 -0.73
C GLY A 106 11.72 -39.97 -1.10
N ASP A 107 11.28 -40.78 -2.06
CA ASP A 107 9.85 -40.91 -2.43
C ASP A 107 9.08 -41.53 -1.27
N VAL A 108 7.85 -41.08 -1.07
CA VAL A 108 6.94 -41.71 -0.15
C VAL A 108 5.67 -42.04 -0.91
N THR A 109 5.23 -43.30 -0.80
CA THR A 109 3.97 -43.78 -1.40
C THR A 109 2.81 -43.51 -0.43
N LEU A 110 1.81 -42.73 -0.84
CA LEU A 110 0.56 -42.54 -0.05
C LEU A 110 -0.61 -43.17 -0.79
N GLN A 111 -1.41 -43.92 -0.03
CA GLN A 111 -2.56 -44.64 -0.58
C GLN A 111 -3.79 -44.09 0.09
N CYS A 112 -4.75 -43.62 -0.71
CA CYS A 112 -6.00 -43.08 -0.19
C CYS A 112 -7.07 -44.08 -0.58
N GLN A 113 -7.41 -45.00 0.33
CA GLN A 113 -8.25 -46.16 -0.04
C GLN A 113 -9.70 -46.04 0.43
N THR A 114 -10.62 -46.43 -0.43
CA THR A 114 -12.06 -46.25 -0.21
C THR A 114 -12.83 -47.49 -0.62
N ARG A 115 -14.09 -47.57 -0.22
CA ARG A 115 -14.98 -48.66 -0.66
C ARG A 115 -15.75 -48.30 -1.93
N TYR A 116 -16.17 -47.05 -2.07
CA TYR A 116 -16.93 -46.62 -3.23
C TYR A 116 -16.00 -46.59 -4.45
N GLY A 117 -16.55 -46.35 -5.64
CA GLY A 117 -15.75 -46.28 -6.85
C GLY A 117 -15.27 -44.89 -7.23
N PHE A 118 -14.53 -44.24 -6.35
CA PHE A 118 -14.09 -42.86 -6.61
C PHE A 118 -12.90 -42.84 -7.58
N ASP A 119 -12.80 -41.75 -8.34
CA ASP A 119 -11.73 -41.61 -9.32
C ASP A 119 -10.91 -40.34 -9.11
N GLN A 120 -11.09 -39.63 -8.00
CA GLN A 120 -10.28 -38.42 -7.69
C GLN A 120 -9.89 -38.38 -6.20
N PHE A 121 -8.66 -37.97 -5.93
CA PHE A 121 -8.08 -38.00 -4.58
C PHE A 121 -7.21 -36.76 -4.37
N ALA A 122 -7.45 -36.08 -3.26
CA ALA A 122 -6.67 -34.92 -2.87
C ALA A 122 -6.05 -35.23 -1.53
N LEU A 123 -4.75 -35.00 -1.46
CA LEU A 123 -3.97 -35.26 -0.27
CA LEU A 123 -3.94 -35.26 -0.28
C LEU A 123 -3.33 -33.93 0.12
N TYR A 124 -3.20 -33.69 1.43
CA TYR A 124 -2.48 -32.50 1.90
C TYR A 124 -1.72 -32.72 3.19
N LYS A 125 -0.62 -31.98 3.30
CA LYS A 125 0.19 -31.87 4.48
C LYS A 125 -0.14 -30.57 5.22
N GLU A 126 -0.53 -30.70 6.48
CA GLU A 126 -0.78 -29.52 7.34
C GLU A 126 0.46 -28.65 7.45
N GLY A 127 0.24 -27.35 7.57
CA GLY A 127 1.34 -26.39 7.65
C GLY A 127 0.89 -25.07 7.08
N ASP A 128 1.78 -24.08 7.14
CA ASP A 128 1.54 -22.82 6.48
C ASP A 128 2.80 -22.46 5.68
N PRO A 129 2.76 -22.57 4.35
CA PRO A 129 1.57 -23.01 3.60
C PRO A 129 1.34 -24.55 3.59
N GLU A 130 0.12 -24.95 3.24
CA GLU A 130 -0.19 -26.36 3.08
C GLU A 130 0.36 -26.85 1.73
N ARG A 131 0.88 -28.09 1.70
CA ARG A 131 1.23 -28.79 0.46
CA ARG A 131 1.23 -28.75 0.44
C ARG A 131 0.08 -29.68 0.03
N TRP A 132 -0.45 -29.45 -1.18
CA TRP A 132 -1.54 -30.24 -1.73
C TRP A 132 -1.08 -31.12 -2.90
N TYR A 133 -1.67 -32.31 -2.99
CA TYR A 133 -1.38 -33.28 -4.06
C TYR A 133 -2.75 -33.73 -4.52
N ARG A 134 -2.91 -33.96 -5.81
CA ARG A 134 -4.17 -34.43 -6.34
C ARG A 134 -3.91 -35.44 -7.41
N ALA A 135 -4.76 -36.44 -7.51
CA ALA A 135 -4.54 -37.51 -8.50
C ALA A 135 -5.85 -38.18 -8.94
N SER A 136 -5.82 -38.81 -10.10
CA SER A 136 -6.98 -39.54 -10.61
C SER A 136 -6.87 -41.03 -10.25
N PHE A 137 -5.98 -41.37 -9.34
CA PHE A 137 -5.85 -42.77 -8.86
C PHE A 137 -5.40 -42.78 -7.43
N PRO A 138 -5.65 -43.88 -6.70
CA PRO A 138 -5.52 -43.81 -5.23
C PRO A 138 -4.12 -43.97 -4.69
N ILE A 139 -3.13 -44.26 -5.54
CA ILE A 139 -1.73 -44.36 -5.09
C ILE A 139 -0.96 -43.18 -5.67
N ILE A 140 -0.36 -42.36 -4.81
CA ILE A 140 0.41 -41.16 -5.19
C ILE A 140 1.84 -41.29 -4.67
N THR A 141 2.82 -40.94 -5.50
CA THR A 141 4.20 -40.85 -5.07
C THR A 141 4.49 -39.40 -4.78
N VAL A 142 4.88 -39.10 -3.54
CA VAL A 142 5.30 -37.76 -3.19
C VAL A 142 6.83 -37.73 -3.22
N THR A 143 7.40 -36.96 -4.15
CA THR A 143 8.84 -36.91 -4.28
CA THR A 143 8.83 -36.84 -4.31
C THR A 143 9.39 -35.99 -3.19
N ALA A 144 10.51 -36.41 -2.60
CA ALA A 144 11.14 -35.63 -1.53
C ALA A 144 10.14 -35.24 -0.45
N ALA A 145 9.34 -36.19 0.03
CA ALA A 145 8.27 -35.86 0.95
C ALA A 145 8.73 -35.26 2.28
N HIS A 146 8.03 -34.22 2.72
CA HIS A 146 8.29 -33.61 4.02
C HIS A 146 7.60 -34.32 5.19
N SER A 147 8.23 -34.28 6.36
CA SER A 147 7.64 -34.75 7.61
C SER A 147 6.43 -33.91 7.85
N GLY A 148 5.40 -34.50 8.44
CA GLY A 148 4.21 -33.77 8.76
C GLY A 148 2.98 -34.64 8.87
N THR A 149 1.87 -33.95 9.05
CA THR A 149 0.56 -34.56 9.21
C THR A 149 -0.21 -34.49 7.89
N TYR A 150 -0.53 -35.67 7.36
CA TYR A 150 -1.20 -35.83 6.10
C TYR A 150 -2.61 -36.33 6.29
N ARG A 151 -3.49 -35.89 5.41
CA ARG A 151 -4.86 -36.38 5.32
C ARG A 151 -5.26 -36.36 3.85
N CYS A 152 -6.30 -37.11 3.50
CA CYS A 152 -6.74 -37.30 2.14
C CYS A 152 -8.23 -37.26 2.03
N TYR A 153 -8.69 -36.75 0.89
CA TYR A 153 -10.10 -36.73 0.55
C TYR A 153 -10.35 -37.56 -0.75
N SER A 154 -11.50 -38.19 -0.87
CA SER A 154 -11.87 -38.86 -2.11
C SER A 154 -13.14 -38.25 -2.68
N PHE A 155 -13.26 -38.27 -4.00
CA PHE A 155 -14.45 -37.72 -4.67
C PHE A 155 -14.55 -38.22 -6.08
N SER A 156 -15.66 -37.88 -6.73
CA SER A 156 -15.95 -38.31 -8.08
C SER A 156 -15.74 -37.16 -9.05
N SER A 157 -15.11 -37.45 -10.18
CA SER A 157 -14.97 -36.47 -11.24
C SER A 157 -16.31 -36.05 -11.86
N ARG A 158 -17.36 -36.81 -11.65
CA ARG A 158 -18.70 -36.42 -12.13
C ARG A 158 -19.33 -35.29 -11.34
N ASP A 159 -19.03 -35.19 -10.04
CA ASP A 159 -19.31 -33.97 -9.28
C ASP A 159 -18.15 -33.66 -8.38
N PRO A 160 -17.18 -32.94 -8.92
CA PRO A 160 -15.96 -32.78 -8.17
C PRO A 160 -16.01 -31.78 -7.04
N TYR A 161 -17.19 -31.24 -6.72
CA TYR A 161 -17.30 -30.24 -5.65
C TYR A 161 -17.89 -30.80 -4.37
N LEU A 162 -18.14 -32.10 -4.36
CA LEU A 162 -18.66 -32.83 -3.21
C LEU A 162 -17.61 -33.84 -2.80
N TRP A 163 -16.91 -33.55 -1.71
CA TRP A 163 -15.84 -34.43 -1.21
C TRP A 163 -16.24 -35.26 0.02
N SER A 164 -15.47 -36.32 0.24
CA SER A 164 -15.58 -37.14 1.42
C SER A 164 -15.26 -36.32 2.64
N ALA A 165 -15.63 -36.82 3.80
CA ALA A 165 -14.93 -36.40 5.03
C ALA A 165 -13.41 -36.69 4.87
N PRO A 166 -12.53 -35.93 5.51
CA PRO A 166 -11.11 -36.24 5.38
C PRO A 166 -10.77 -37.47 6.17
N SER A 167 -9.76 -38.20 5.70
CA SER A 167 -9.25 -39.38 6.39
C SER A 167 -8.72 -38.99 7.76
N ASP A 168 -8.58 -39.98 8.67
CA ASP A 168 -7.84 -39.73 9.90
C ASP A 168 -6.41 -39.35 9.47
N PRO A 169 -5.74 -38.49 10.25
CA PRO A 169 -4.38 -38.09 9.97
C PRO A 169 -3.36 -39.22 10.11
N LEU A 170 -2.33 -39.15 9.29
CA LEU A 170 -1.18 -40.03 9.33
C LEU A 170 0.04 -39.15 9.55
N GLU A 171 0.99 -39.59 10.39
CA GLU A 171 2.18 -38.77 10.66
C GLU A 171 3.41 -39.36 9.99
N LEU A 172 3.96 -38.57 9.07
CA LEU A 172 5.16 -38.95 8.34
C LEU A 172 6.41 -38.39 9.05
N VAL A 173 7.33 -39.26 9.43
CA VAL A 173 8.56 -38.85 10.09
C VAL A 173 9.70 -39.16 9.15
N VAL A 174 10.27 -38.16 8.53
CA VAL A 174 11.27 -38.40 7.50
C VAL A 174 12.69 -38.40 8.11
N THR A 175 12.82 -37.69 9.23
CA THR A 175 14.09 -37.50 9.91
C THR A 175 14.63 -38.80 10.49
N GLY A 176 15.91 -39.11 10.22
CA GLY A 176 16.56 -40.34 10.65
C GLY A 176 16.86 -40.43 12.14
N SER B 4 -14.52 2.93 24.75
CA SER B 4 -13.57 2.55 23.66
C SER B 4 -12.99 3.82 23.04
N GLY B 5 -11.66 3.87 22.93
CA GLY B 5 -10.96 5.04 22.45
C GLY B 5 -11.07 5.33 20.96
N PRO B 6 -10.59 6.50 20.54
CA PRO B 6 -10.82 6.90 19.18
C PRO B 6 -9.81 6.27 18.26
N LEU B 7 -10.02 6.45 16.97
CA LEU B 7 -9.13 5.95 15.92
C LEU B 7 -8.06 6.97 15.52
N PRO B 8 -6.95 6.50 14.89
CA PRO B 8 -5.86 7.41 14.51
C PRO B 8 -6.31 8.42 13.45
N LYS B 9 -5.65 9.57 13.37
CA LYS B 9 -6.15 10.65 12.52
CA LYS B 9 -6.17 10.64 12.53
C LYS B 9 -6.03 10.35 11.04
N PRO B 10 -6.96 10.90 10.24
CA PRO B 10 -6.78 10.87 8.81
C PRO B 10 -5.81 11.97 8.35
N SER B 11 -5.30 11.89 7.13
CA SER B 11 -4.67 13.09 6.48
C SER B 11 -5.71 13.97 5.79
N LEU B 12 -5.41 15.26 5.64
CA LEU B 12 -6.24 16.19 4.83
C LEU B 12 -5.29 17.04 3.97
N GLN B 13 -5.45 16.95 2.65
CA GLN B 13 -4.50 17.58 1.71
CA GLN B 13 -4.51 17.55 1.69
C GLN B 13 -5.26 18.33 0.62
N ALA B 14 -4.63 19.40 0.12
CA ALA B 14 -5.15 20.19 -0.99
C ALA B 14 -4.29 19.88 -2.22
N LEU B 15 -4.91 19.51 -3.32
CA LEU B 15 -4.22 19.24 -4.57
C LEU B 15 -4.72 20.21 -5.64
N PRO B 16 -3.81 20.80 -6.42
CA PRO B 16 -2.38 20.46 -6.43
C PRO B 16 -1.58 21.15 -5.32
N SER B 17 -2.17 22.15 -4.66
CA SER B 17 -1.50 22.89 -3.62
C SER B 17 -2.49 23.55 -2.66
N SER B 18 -2.06 23.81 -1.42
CA SER B 18 -2.87 24.60 -0.48
C SER B 18 -2.74 26.12 -0.69
N LEU B 19 -1.84 26.54 -1.61
CA LEU B 19 -1.77 27.93 -2.04
CA LEU B 19 -1.75 27.94 -2.03
C LEU B 19 -2.47 28.05 -3.37
N VAL B 20 -3.63 28.70 -3.38
CA VAL B 20 -4.51 28.63 -4.54
C VAL B 20 -4.82 30.02 -5.06
N PRO B 21 -4.35 30.37 -6.27
CA PRO B 21 -4.78 31.66 -6.80
C PRO B 21 -6.32 31.74 -6.96
N LEU B 22 -6.87 32.92 -6.68
CA LEU B 22 -8.25 33.20 -6.96
C LEU B 22 -8.56 32.77 -8.41
N GLU B 23 -9.71 32.09 -8.56
CA GLU B 23 -10.22 31.53 -9.82
C GLU B 23 -9.53 30.25 -10.30
N LYS B 24 -8.55 29.73 -9.57
CA LYS B 24 -7.94 28.47 -9.95
C LYS B 24 -8.59 27.35 -9.15
N PRO B 25 -8.55 26.13 -9.69
CA PRO B 25 -9.14 25.00 -8.98
C PRO B 25 -8.27 24.40 -7.86
N VAL B 26 -8.93 23.71 -6.94
CA VAL B 26 -8.20 22.94 -5.93
C VAL B 26 -9.15 21.90 -5.44
N THR B 27 -8.59 20.75 -5.06
CA THR B 27 -9.33 19.68 -4.48
C THR B 27 -8.83 19.36 -3.09
N LEU B 28 -9.74 19.31 -2.11
CA LEU B 28 -9.41 18.84 -0.78
C LEU B 28 -9.76 17.37 -0.63
N ARG B 29 -8.84 16.59 -0.08
CA ARG B 29 -9.04 15.16 0.10
CA ARG B 29 -9.04 15.16 0.09
C ARG B 29 -8.74 14.70 1.53
N CYS B 30 -9.74 14.13 2.20
CA CYS B 30 -9.54 13.54 3.51
C CYS B 30 -9.20 12.04 3.27
N GLN B 31 -8.19 11.51 3.91
CA GLN B 31 -7.80 10.12 3.65
CA GLN B 31 -7.85 10.11 3.67
C GLN B 31 -7.49 9.38 4.94
N GLY B 32 -8.22 8.30 5.20
CA GLY B 32 -8.01 7.51 6.37
C GLY B 32 -7.80 6.09 5.92
N PRO B 33 -7.97 5.13 6.83
CA PRO B 33 -7.76 3.74 6.40
C PRO B 33 -8.87 3.25 5.47
N PRO B 34 -8.57 2.27 4.59
CA PRO B 34 -9.59 1.72 3.68
C PRO B 34 -10.75 1.14 4.47
N GLY B 35 -11.96 1.22 3.90
CA GLY B 35 -13.14 0.57 4.49
C GLY B 35 -13.90 1.27 5.63
N VAL B 36 -13.65 2.55 5.84
CA VAL B 36 -14.40 3.28 6.86
C VAL B 36 -15.80 3.69 6.37
N ASP B 37 -16.67 4.00 7.33
CA ASP B 37 -18.09 4.17 7.07
C ASP B 37 -18.49 5.56 6.64
N LEU B 38 -17.83 6.60 7.17
CA LEU B 38 -18.18 7.98 6.87
CA LEU B 38 -18.14 7.95 6.78
C LEU B 38 -16.93 8.87 7.01
N TYR B 39 -16.78 9.84 6.12
CA TYR B 39 -15.81 10.93 6.28
C TYR B 39 -16.60 12.20 6.53
N ARG B 40 -16.11 13.07 7.40
CA ARG B 40 -16.74 14.37 7.60
C ARG B 40 -15.72 15.48 7.48
N LEU B 41 -15.92 16.36 6.48
CA LEU B 41 -15.02 17.47 6.19
CA LEU B 41 -15.02 17.47 6.17
C LEU B 41 -15.66 18.82 6.50
N GLU B 42 -15.04 19.56 7.42
CA GLU B 42 -15.59 20.82 7.90
C GLU B 42 -14.71 22.03 7.63
N LYS B 43 -15.37 23.18 7.60
CA LYS B 43 -14.62 24.45 7.53
C LYS B 43 -14.82 25.12 8.87
N LEU B 44 -13.73 25.45 9.56
CA LEU B 44 -13.84 25.99 10.93
C LEU B 44 -14.54 27.36 11.02
N SER B 45 -14.44 28.19 9.99
CA SER B 45 -14.97 29.55 10.12
C SER B 45 -16.49 29.56 10.16
N SER B 46 -17.13 28.61 9.46
CA SER B 46 -18.58 28.53 9.39
C SER B 46 -19.15 27.44 10.30
N SER B 47 -18.30 26.50 10.64
CA SER B 47 -18.70 25.26 11.26
C SER B 47 -19.76 24.53 10.44
N ARG B 48 -19.63 24.61 9.11
CA ARG B 48 -20.42 23.78 8.22
CA ARG B 48 -20.41 23.81 8.19
C ARG B 48 -19.54 22.64 7.70
N TYR B 49 -20.21 21.58 7.26
CA TYR B 49 -19.51 20.37 6.90
C TYR B 49 -20.19 19.60 5.79
N GLN B 50 -19.45 18.68 5.21
CA GLN B 50 -20.00 17.71 4.27
C GLN B 50 -19.58 16.35 4.71
N ASP B 51 -20.48 15.39 4.52
CA ASP B 51 -20.18 14.00 4.87
C ASP B 51 -19.58 13.21 3.70
N GLN B 52 -18.51 13.71 3.08
CA GLN B 52 -17.79 12.95 2.05
C GLN B 52 -16.34 13.40 2.14
N ALA B 53 -15.45 12.60 1.56
CA ALA B 53 -14.04 12.77 1.78
C ALA B 53 -13.47 13.88 0.92
N VAL B 54 -14.05 14.09 -0.26
CA VAL B 54 -13.50 14.98 -1.27
C VAL B 54 -14.37 16.21 -1.46
N LEU B 55 -13.71 17.37 -1.51
CA LEU B 55 -14.35 18.64 -1.86
C LEU B 55 -13.64 19.29 -3.06
N PHE B 56 -14.34 19.39 -4.19
CA PHE B 56 -13.80 20.00 -5.41
C PHE B 56 -14.21 21.45 -5.52
N ILE B 57 -13.22 22.33 -5.58
CA ILE B 57 -13.46 23.76 -5.74
C ILE B 57 -13.05 24.11 -7.17
N PRO B 58 -14.04 24.37 -8.06
CA PRO B 58 -13.70 24.66 -9.48
C PRO B 58 -12.92 25.95 -9.65
N ALA B 59 -13.23 26.94 -8.82
CA ALA B 59 -12.61 28.25 -8.91
C ALA B 59 -12.48 28.84 -7.51
N MET B 60 -11.25 29.06 -7.09
CA MET B 60 -11.01 29.50 -5.72
C MET B 60 -11.63 30.88 -5.51
N LYS B 61 -12.19 31.08 -4.32
CA LYS B 61 -12.80 32.34 -3.92
C LYS B 61 -12.34 32.75 -2.50
N ARG B 62 -12.38 34.06 -2.20
CA ARG B 62 -11.92 34.53 -0.86
C ARG B 62 -12.58 33.81 0.33
N SER B 63 -13.90 33.59 0.24
CA SER B 63 -14.67 33.00 1.35
C SER B 63 -14.37 31.51 1.56
N LEU B 64 -13.65 30.89 0.63
CA LEU B 64 -13.28 29.49 0.79
C LEU B 64 -11.93 29.35 1.44
N ALA B 65 -11.22 30.47 1.64
CA ALA B 65 -9.93 30.39 2.32
C ALA B 65 -10.14 30.19 3.82
N GLY B 66 -9.16 29.56 4.47
CA GLY B 66 -9.22 29.30 5.92
C GLY B 66 -8.89 27.86 6.29
N ARG B 67 -9.11 27.54 7.57
CA ARG B 67 -8.82 26.22 8.11
CA ARG B 67 -8.81 26.21 8.10
C ARG B 67 -9.95 25.23 7.84
N TYR B 68 -9.58 24.02 7.47
CA TYR B 68 -10.49 22.90 7.26
C TYR B 68 -9.91 21.79 8.13
N ARG B 69 -10.77 20.85 8.45
CA ARG B 69 -10.44 19.72 9.30
C ARG B 69 -11.38 18.56 9.00
N CYS B 70 -10.90 17.33 9.13
CA CYS B 70 -11.74 16.19 8.88
C CYS B 70 -11.58 15.09 9.84
N SER B 71 -12.60 14.23 9.92
CA SER B 71 -12.56 13.03 10.75
C SER B 71 -13.32 11.93 10.04
N TYR B 72 -13.08 10.71 10.42
CA TYR B 72 -13.86 9.60 9.89
C TYR B 72 -14.52 8.85 11.04
N GLN B 73 -15.54 8.06 10.70
CA GLN B 73 -16.17 7.17 11.64
CA GLN B 73 -16.10 7.16 11.66
C GLN B 73 -16.12 5.76 11.09
N ASN B 74 -16.01 4.78 11.98
CA ASN B 74 -16.04 3.34 11.65
C ASN B 74 -16.68 2.61 12.83
N GLY B 75 -17.68 1.78 12.58
CA GLY B 75 -18.52 1.27 13.67
C GLY B 75 -19.18 2.48 14.30
N SER B 76 -19.20 2.56 15.62
CA SER B 76 -19.68 3.77 16.28
C SER B 76 -18.56 4.80 16.53
N LEU B 77 -17.29 4.41 16.35
CA LEU B 77 -16.17 5.23 16.76
C LEU B 77 -15.72 6.29 15.74
N TRP B 78 -15.45 7.48 16.26
CA TRP B 78 -14.82 8.54 15.52
C TRP B 78 -13.28 8.47 15.66
N SER B 79 -12.63 9.00 14.62
CA SER B 79 -11.18 9.21 14.64
C SER B 79 -10.82 10.50 15.34
N LEU B 80 -9.59 10.59 15.83
CA LEU B 80 -8.99 11.88 16.06
C LEU B 80 -9.08 12.67 14.74
N PRO B 81 -9.25 13.99 14.83
CA PRO B 81 -9.35 14.80 13.62
C PRO B 81 -8.03 15.02 12.92
N SER B 82 -8.10 15.29 11.62
CA SER B 82 -6.88 15.67 10.86
C SER B 82 -6.24 16.90 11.47
N ASP B 83 -4.94 17.05 11.26
CA ASP B 83 -4.30 18.35 11.29
C ASP B 83 -5.15 19.27 10.43
N GLN B 84 -5.24 20.51 10.87
CA GLN B 84 -6.01 21.52 10.19
C GLN B 84 -5.30 21.94 8.92
N LEU B 85 -6.02 21.90 7.81
CA LEU B 85 -5.49 22.33 6.52
CA LEU B 85 -5.50 22.33 6.53
C LEU B 85 -5.70 23.83 6.42
N GLU B 86 -4.64 24.57 6.08
CA GLU B 86 -4.69 26.02 5.92
C GLU B 86 -4.77 26.42 4.44
N LEU B 87 -6.00 26.60 3.96
CA LEU B 87 -6.27 26.95 2.57
C LEU B 87 -6.12 28.45 2.36
N VAL B 88 -5.19 28.80 1.48
CA VAL B 88 -4.82 30.17 1.20
C VAL B 88 -5.28 30.54 -0.21
N ALA B 89 -5.97 31.66 -0.30
CA ALA B 89 -6.25 32.29 -1.59
C ALA B 89 -5.16 33.35 -1.92
N THR B 90 -4.44 33.24 -3.05
CA THR B 90 -3.51 34.31 -3.44
C THR B 90 -4.16 35.20 -4.51
N GLY B 91 -3.58 36.37 -4.74
CA GLY B 91 -4.09 37.34 -5.74
C GLY B 91 -5.19 38.23 -5.20
N VAL B 92 -5.37 38.28 -3.88
CA VAL B 92 -6.40 39.14 -3.26
C VAL B 92 -6.07 40.61 -3.28
N PHE B 93 -4.76 40.93 -3.19
CA PHE B 93 -4.26 42.31 -3.10
C PHE B 93 -3.18 42.53 -4.14
N ALA B 94 -2.89 43.79 -4.44
CA ALA B 94 -1.83 44.12 -5.37
C ALA B 94 -0.50 43.48 -4.96
N LYS B 95 0.27 43.04 -5.95
CA LYS B 95 1.56 42.42 -5.69
CA LYS B 95 1.55 42.41 -5.67
C LYS B 95 2.55 43.38 -5.02
N PRO B 96 3.41 42.83 -4.16
CA PRO B 96 4.45 43.67 -3.58
C PRO B 96 5.63 43.73 -4.48
N SER B 97 6.62 44.51 -4.07
CA SER B 97 7.82 44.63 -4.84
C SER B 97 9.02 43.99 -4.14
N LEU B 98 9.67 43.06 -4.81
CA LEU B 98 10.78 42.34 -4.19
C LEU B 98 12.15 42.87 -4.69
N SER B 99 13.06 43.10 -3.74
CA SER B 99 14.43 43.47 -4.09
C SER B 99 15.38 42.71 -3.19
N ALA B 100 16.63 42.63 -3.62
CA ALA B 100 17.64 41.87 -2.87
C ALA B 100 19.01 42.55 -2.97
N GLN B 101 19.75 42.50 -1.87
CA GLN B 101 21.09 43.04 -1.83
C GLN B 101 21.98 42.02 -1.14
N PRO B 102 23.28 41.99 -1.52
CA PRO B 102 24.23 41.21 -0.73
C PRO B 102 24.21 41.66 0.72
N GLY B 103 24.26 40.71 1.64
CA GLY B 103 24.33 41.00 3.07
C GLY B 103 25.74 40.71 3.53
N SER B 104 25.88 40.45 4.82
CA SER B 104 27.18 40.18 5.39
C SER B 104 27.56 38.74 5.06
N GLY B 105 28.75 38.54 4.49
CA GLY B 105 29.23 37.17 4.18
C GLY B 105 28.43 36.54 3.09
N GLY B 106 27.87 35.36 3.36
CA GLY B 106 26.93 34.72 2.44
C GLY B 106 25.44 34.99 2.66
N ASP B 107 25.10 35.88 3.60
CA ASP B 107 23.71 36.34 3.79
C ASP B 107 23.28 37.16 2.58
N VAL B 108 21.99 37.04 2.22
CA VAL B 108 21.37 37.90 1.24
C VAL B 108 20.22 38.56 1.94
N THR B 109 20.13 39.88 1.78
CA THR B 109 18.97 40.65 2.29
C THR B 109 17.85 40.69 1.25
N LEU B 110 16.64 40.20 1.59
CA LEU B 110 15.48 40.37 0.67
C LEU B 110 14.47 41.32 1.24
N GLN B 111 13.91 42.19 0.39
CA GLN B 111 12.93 43.18 0.84
C GLN B 111 11.65 42.98 0.05
N CYS B 112 10.57 42.70 0.77
CA CYS B 112 9.25 42.56 0.21
C CYS B 112 8.49 43.85 0.55
N GLN B 113 8.43 44.80 -0.36
CA GLN B 113 7.84 46.10 0.01
C GLN B 113 6.48 46.34 -0.63
N THR B 114 5.57 46.90 0.17
CA THR B 114 4.17 47.10 -0.21
C THR B 114 3.76 48.52 0.10
N ARG B 115 2.65 48.97 -0.48
CA ARG B 115 2.08 50.27 -0.16
C ARG B 115 1.20 50.22 1.09
N TYR B 116 0.47 49.13 1.26
CA TYR B 116 -0.49 48.99 2.37
C TYR B 116 0.31 48.68 3.64
N GLY B 117 -0.36 48.64 4.78
CA GLY B 117 0.31 48.32 6.05
C GLY B 117 0.32 46.84 6.42
N PHE B 118 0.91 45.99 5.58
CA PHE B 118 0.91 44.56 5.87
C PHE B 118 1.91 44.21 6.96
N ASP B 119 1.66 43.15 7.72
CA ASP B 119 2.60 42.78 8.81
C ASP B 119 3.05 41.35 8.73
N GLN B 120 2.78 40.69 7.60
CA GLN B 120 3.31 39.35 7.29
C GLN B 120 3.83 39.26 5.83
N PHE B 121 4.92 38.52 5.66
CA PHE B 121 5.56 38.34 4.37
C PHE B 121 6.06 36.89 4.21
N ALA B 122 5.73 36.26 3.07
CA ALA B 122 6.24 34.96 2.72
C ALA B 122 7.08 35.04 1.44
N LEU B 123 8.29 34.53 1.52
CA LEU B 123 9.22 34.52 0.40
CA LEU B 123 9.21 34.51 0.39
C LEU B 123 9.53 33.08 0.04
N TYR B 124 9.67 32.79 -1.26
CA TYR B 124 10.09 31.43 -1.66
C TYR B 124 11.06 31.40 -2.85
N LYS B 125 11.95 30.42 -2.83
CA LYS B 125 12.81 30.09 -3.92
C LYS B 125 12.17 28.95 -4.70
N GLU B 126 11.99 29.19 -6.00
CA GLU B 126 11.45 28.20 -6.92
C GLU B 126 12.37 27.00 -6.95
N GLY B 127 11.79 25.80 -7.05
CA GLY B 127 12.58 24.57 -7.11
C GLY B 127 11.82 23.37 -6.62
N ASP B 128 12.50 22.22 -6.63
CA ASP B 128 11.94 20.98 -6.08
C ASP B 128 12.98 20.28 -5.18
N PRO B 129 12.90 20.46 -3.86
CA PRO B 129 11.84 21.20 -3.18
C PRO B 129 12.01 22.74 -3.15
N GLU B 130 10.90 23.44 -2.93
CA GLU B 130 10.91 24.88 -2.77
C GLU B 130 11.47 25.20 -1.40
N ARG B 131 12.19 26.32 -1.27
CA ARG B 131 12.58 26.86 0.02
CA ARG B 131 12.57 26.84 0.03
C ARG B 131 11.68 28.04 0.36
N TRP B 132 11.02 27.97 1.53
CA TRP B 132 10.13 29.04 2.02
C TRP B 132 10.70 29.77 3.23
N TYR B 133 10.45 31.07 3.31
CA TYR B 133 10.89 31.93 4.42
C TYR B 133 9.66 32.75 4.78
N ARG B 134 9.41 32.97 6.05
CA ARG B 134 8.27 33.80 6.45
C ARG B 134 8.68 34.74 7.55
N ALA B 135 8.12 35.94 7.55
CA ALA B 135 8.51 36.98 8.52
C ALA B 135 7.39 37.94 8.86
N SER B 136 7.50 38.55 10.04
CA SER B 136 6.57 39.57 10.51
C SER B 136 7.08 40.98 10.19
N PHE B 137 8.05 41.09 9.30
CA PHE B 137 8.60 42.39 8.89
C PHE B 137 9.13 42.25 7.46
N PRO B 138 9.22 43.37 6.71
CA PRO B 138 9.47 43.24 5.27
C PRO B 138 10.92 42.98 4.88
N ILE B 139 11.84 43.08 5.81
CA ILE B 139 13.24 42.78 5.50
C ILE B 139 13.62 41.46 6.11
N ILE B 140 14.08 40.53 5.28
CA ILE B 140 14.49 39.19 5.72
C ILE B 140 15.95 38.90 5.37
N THR B 141 16.73 38.36 6.31
CA THR B 141 18.06 37.88 6.02
C THR B 141 17.97 36.40 5.72
N VAL B 142 18.38 36.00 4.52
CA VAL B 142 18.53 34.60 4.20
C VAL B 142 20.00 34.19 4.35
N THR B 143 20.28 33.29 5.30
CA THR B 143 21.66 32.83 5.52
CA THR B 143 21.63 32.79 5.56
C THR B 143 22.01 31.80 4.47
N ALA B 144 23.24 31.87 3.96
CA ALA B 144 23.71 30.93 2.90
C ALA B 144 22.73 30.78 1.76
N ALA B 145 22.24 31.90 1.24
CA ALA B 145 21.16 31.86 0.25
C ALA B 145 21.54 31.16 -1.04
N HIS B 146 20.62 30.36 -1.57
CA HIS B 146 20.90 29.70 -2.81
C HIS B 146 20.57 30.54 -4.04
N SER B 147 21.29 30.29 -5.13
CA SER B 147 20.94 30.85 -6.41
C SER B 147 19.54 30.40 -6.78
N GLY B 148 18.78 31.26 -7.41
CA GLY B 148 17.50 30.84 -7.92
C GLY B 148 16.52 31.97 -8.05
N THR B 149 15.27 31.58 -8.27
CA THR B 149 14.21 32.49 -8.60
C THR B 149 13.32 32.68 -7.39
N TYR B 150 13.32 33.92 -6.89
CA TYR B 150 12.59 34.28 -5.69
C TYR B 150 11.35 35.11 -5.97
N ARG B 151 10.27 34.81 -5.25
CA ARG B 151 9.07 35.67 -5.21
C ARG B 151 8.59 35.84 -3.80
N CYS B 152 7.85 36.92 -3.55
CA CYS B 152 7.28 37.20 -2.25
C CYS B 152 5.79 37.52 -2.28
N TYR B 153 5.14 37.25 -1.14
CA TYR B 153 3.75 37.55 -0.91
C TYR B 153 3.60 38.37 0.39
N SER B 154 2.64 39.26 0.41
CA SER B 154 2.32 40.05 1.57
C SER B 154 0.85 39.80 2.01
N PHE B 155 0.62 39.84 3.32
CA PHE B 155 -0.74 39.67 3.87
C PHE B 155 -0.82 40.23 5.29
N SER B 156 -2.02 40.17 5.88
CA SER B 156 -2.26 40.68 7.23
C SER B 156 -2.37 39.54 8.22
N SER B 157 -1.75 39.68 9.38
CA SER B 157 -1.99 38.71 10.47
C SER B 157 -3.47 38.59 10.92
N ARG B 158 -4.30 39.56 10.58
CA ARG B 158 -5.69 39.53 10.96
C ARG B 158 -6.51 38.60 10.11
N ASP B 159 -6.15 38.44 8.84
CA ASP B 159 -6.69 37.31 8.05
C ASP B 159 -5.56 36.70 7.25
N PRO B 160 -4.83 35.76 7.85
CA PRO B 160 -3.64 35.28 7.19
C PRO B 160 -3.88 34.32 6.03
N TYR B 161 -5.13 34.12 5.61
CA TYR B 161 -5.41 33.16 4.55
C TYR B 161 -5.71 33.86 3.24
N LEU B 162 -5.61 35.19 3.25
CA LEU B 162 -5.82 36.03 2.06
C LEU B 162 -4.51 36.73 1.72
N TRP B 163 -3.80 36.27 0.67
CA TRP B 163 -2.49 36.85 0.29
C TRP B 163 -2.56 37.71 -0.97
N SER B 164 -1.56 38.57 -1.14
CA SER B 164 -1.40 39.33 -2.32
C SER B 164 -1.17 38.39 -3.48
N ALA B 165 -1.26 38.91 -4.69
CA ALA B 165 -0.59 38.27 -5.84
C ALA B 165 0.92 38.18 -5.54
N PRO B 166 1.59 37.16 -6.10
CA PRO B 166 3.03 37.09 -5.94
C PRO B 166 3.75 38.24 -6.65
N SER B 167 4.86 38.67 -6.07
CA SER B 167 5.73 39.67 -6.68
C SER B 167 6.29 39.18 -8.02
N ASP B 168 6.70 40.09 -8.87
CA ASP B 168 7.51 39.69 -10.03
C ASP B 168 8.74 38.98 -9.47
N PRO B 169 9.23 37.97 -10.18
CA PRO B 169 10.40 37.24 -9.72
C PRO B 169 11.68 38.09 -9.76
N LEU B 170 12.62 37.74 -8.89
CA LEU B 170 13.96 38.26 -8.94
C LEU B 170 14.91 37.05 -9.04
N GLU B 171 16.01 37.19 -9.77
CA GLU B 171 16.95 36.06 -9.90
C GLU B 171 18.19 36.36 -9.10
N LEU B 172 18.50 35.48 -8.16
CA LEU B 172 19.70 35.56 -7.36
C LEU B 172 20.79 34.67 -7.98
N VAL B 173 21.93 35.27 -8.28
CA VAL B 173 23.06 34.56 -8.83
C VAL B 173 24.15 34.59 -7.77
N VAL B 174 24.33 33.50 -7.05
CA VAL B 174 25.32 33.50 -5.98
C VAL B 174 26.72 33.09 -6.50
N THR B 175 26.75 32.36 -7.61
CA THR B 175 27.98 31.80 -8.17
C THR B 175 28.88 32.93 -8.70
N GLY B 176 30.16 32.91 -8.28
CA GLY B 176 31.16 33.91 -8.68
C GLY B 176 31.74 33.69 -10.06
N SER C 4 14.70 -67.32 58.13
CA SER C 4 13.31 -67.45 57.61
C SER C 4 13.25 -67.12 56.11
N GLY C 5 13.93 -66.05 55.70
CA GLY C 5 13.82 -65.54 54.34
C GLY C 5 12.46 -64.88 54.11
N PRO C 6 12.22 -64.34 52.92
CA PRO C 6 11.00 -63.57 52.66
C PRO C 6 9.70 -64.38 52.80
N LEU C 7 8.65 -63.73 53.29
CA LEU C 7 7.37 -64.37 53.40
C LEU C 7 6.79 -64.57 52.00
N PRO C 8 6.07 -65.67 51.76
CA PRO C 8 5.41 -65.89 50.49
C PRO C 8 4.30 -64.88 50.15
N LYS C 9 4.11 -64.76 48.84
CA LYS C 9 3.15 -63.87 48.24
CA LYS C 9 3.15 -63.87 48.24
C LYS C 9 2.67 -64.48 46.92
N PRO C 10 1.32 -64.57 46.74
CA PRO C 10 0.83 -65.08 45.47
C PRO C 10 0.97 -64.05 44.34
N SER C 11 0.75 -64.49 43.12
CA SER C 11 0.69 -63.60 41.99
C SER C 11 -0.78 -63.44 41.61
N LEU C 12 -1.13 -62.26 41.13
CA LEU C 12 -2.48 -61.97 40.69
C LEU C 12 -2.40 -61.41 39.28
N GLN C 13 -3.17 -62.00 38.35
CA GLN C 13 -3.11 -61.53 36.99
C GLN C 13 -4.43 -61.56 36.30
N ALA C 14 -4.60 -60.65 35.35
CA ALA C 14 -5.83 -60.57 34.58
C ALA C 14 -5.55 -61.04 33.17
N LEU C 15 -6.46 -61.85 32.65
CA LEU C 15 -6.37 -62.35 31.29
CA LEU C 15 -6.36 -62.34 31.28
C LEU C 15 -7.67 -62.05 30.56
N PRO C 16 -7.62 -61.61 29.31
CA PRO C 16 -6.37 -61.43 28.55
C PRO C 16 -5.56 -60.22 28.95
N SER C 17 -6.19 -59.24 29.62
CA SER C 17 -5.52 -58.02 29.99
C SER C 17 -6.21 -57.36 31.20
N SER C 18 -5.50 -56.50 31.90
CA SER C 18 -6.07 -55.67 32.95
C SER C 18 -6.76 -54.39 32.46
N LEU C 19 -6.58 -54.08 31.16
CA LEU C 19 -7.27 -52.96 30.48
CA LEU C 19 -7.27 -52.96 30.48
C LEU C 19 -8.42 -53.55 29.72
N VAL C 20 -9.66 -53.33 30.20
CA VAL C 20 -10.82 -54.11 29.76
C VAL C 20 -11.97 -53.20 29.30
N PRO C 21 -12.33 -53.28 28.02
CA PRO C 21 -13.47 -52.47 27.61
C PRO C 21 -14.79 -52.90 28.29
N LEU C 22 -15.64 -51.94 28.62
CA LEU C 22 -16.96 -52.26 29.14
C LEU C 22 -17.59 -53.33 28.26
N GLU C 23 -18.25 -54.27 28.93
CA GLU C 23 -18.91 -55.41 28.31
C GLU C 23 -18.04 -56.52 27.73
N LYS C 24 -16.72 -56.44 27.92
CA LYS C 24 -15.82 -57.52 27.51
C LYS C 24 -15.43 -58.38 28.70
N PRO C 25 -15.09 -59.65 28.47
CA PRO C 25 -14.72 -60.52 29.58
C PRO C 25 -13.31 -60.30 30.15
N VAL C 26 -13.11 -60.60 31.43
CA VAL C 26 -11.76 -60.64 32.00
C VAL C 26 -11.76 -61.66 33.12
N THR C 27 -10.64 -62.37 33.30
CA THR C 27 -10.51 -63.33 34.38
C THR C 27 -9.36 -62.85 35.26
N LEU C 28 -9.62 -62.73 36.56
CA LEU C 28 -8.57 -62.50 37.52
C LEU C 28 -8.17 -63.83 38.16
N ARG C 29 -6.88 -64.13 38.10
CA ARG C 29 -6.39 -65.41 38.56
C ARG C 29 -5.29 -65.19 39.61
N CYS C 30 -5.56 -65.65 40.83
CA CYS C 30 -4.58 -65.68 41.90
C CYS C 30 -3.90 -67.03 41.76
N GLN C 31 -2.56 -67.02 41.74
CA GLN C 31 -1.74 -68.25 41.71
C GLN C 31 -0.78 -68.35 42.91
N GLY C 32 -0.97 -69.41 43.69
CA GLY C 32 -0.14 -69.74 44.82
C GLY C 32 0.27 -71.19 44.69
N PRO C 33 0.95 -71.73 45.70
CA PRO C 33 1.37 -73.11 45.66
C PRO C 33 0.18 -74.09 45.74
N PRO C 34 0.35 -75.30 45.17
CA PRO C 34 -0.71 -76.30 45.20
C PRO C 34 -1.01 -76.75 46.63
N GLY C 35 -2.28 -76.99 46.93
CA GLY C 35 -2.66 -77.55 48.23
C GLY C 35 -2.56 -76.65 49.45
N VAL C 36 -2.73 -75.34 49.27
CA VAL C 36 -2.96 -74.45 50.39
C VAL C 36 -4.47 -74.56 50.76
N ASP C 37 -4.85 -74.09 51.95
CA ASP C 37 -6.22 -74.31 52.46
C ASP C 37 -7.23 -73.33 51.86
N LEU C 38 -6.86 -72.06 51.75
CA LEU C 38 -7.79 -71.01 51.35
C LEU C 38 -7.10 -69.89 50.59
N TYR C 39 -7.75 -69.47 49.49
CA TYR C 39 -7.45 -68.25 48.75
C TYR C 39 -8.47 -67.19 49.09
N ARG C 40 -8.02 -65.93 49.04
CA ARG C 40 -8.87 -64.78 49.24
C ARG C 40 -8.55 -63.70 48.23
N LEU C 41 -9.57 -63.27 47.49
CA LEU C 41 -9.44 -62.20 46.51
C LEU C 41 -10.31 -61.01 46.91
N GLU C 42 -9.67 -59.84 47.08
CA GLU C 42 -10.34 -58.66 47.61
C GLU C 42 -10.18 -57.48 46.66
N LYS C 43 -11.29 -56.81 46.37
CA LYS C 43 -11.30 -55.51 45.74
C LYS C 43 -11.20 -54.51 46.87
N LEU C 44 -10.17 -53.66 46.84
CA LEU C 44 -9.81 -52.85 48.00
C LEU C 44 -10.88 -51.82 48.41
N SER C 45 -11.74 -51.39 47.49
CA SER C 45 -12.86 -50.50 47.85
C SER C 45 -14.05 -51.26 48.44
N SER C 46 -14.27 -52.50 48.00
CA SER C 46 -15.45 -53.25 48.41
C SER C 46 -15.46 -53.53 49.91
N SER C 47 -16.61 -54.02 50.35
CA SER C 47 -16.81 -54.49 51.71
C SER C 47 -16.78 -56.03 51.75
N ARG C 48 -16.52 -56.65 50.58
CA ARG C 48 -16.60 -58.11 50.43
C ARG C 48 -15.41 -58.71 49.64
N TYR C 49 -14.88 -59.80 50.18
CA TYR C 49 -13.86 -60.60 49.49
C TYR C 49 -14.53 -61.84 48.94
N GLN C 50 -13.89 -62.54 48.02
CA GLN C 50 -14.29 -63.90 47.65
C GLN C 50 -13.25 -64.92 48.12
N ASP C 51 -13.71 -66.12 48.44
CA ASP C 51 -12.85 -67.17 48.98
C ASP C 51 -12.42 -68.15 47.93
N GLN C 52 -12.12 -67.63 46.74
CA GLN C 52 -11.80 -68.47 45.59
C GLN C 52 -10.64 -67.76 44.87
N ALA C 53 -9.86 -68.53 44.13
CA ALA C 53 -8.64 -68.02 43.47
C ALA C 53 -8.94 -67.36 42.11
N VAL C 54 -10.11 -67.65 41.55
CA VAL C 54 -10.51 -67.14 40.25
C VAL C 54 -11.78 -66.29 40.32
N LEU C 55 -11.73 -65.15 39.67
CA LEU C 55 -12.89 -64.32 39.48
C LEU C 55 -13.07 -64.14 38.01
N PHE C 56 -14.22 -64.61 37.52
CA PHE C 56 -14.57 -64.47 36.14
C PHE C 56 -15.63 -63.39 35.99
N ILE C 57 -15.22 -62.33 35.28
CA ILE C 57 -16.05 -61.22 34.91
C ILE C 57 -16.50 -61.42 33.45
N PRO C 58 -17.76 -61.83 33.26
CA PRO C 58 -18.20 -62.06 31.90
C PRO C 58 -18.35 -60.78 31.03
N ALA C 59 -18.60 -59.64 31.67
CA ALA C 59 -18.84 -58.39 30.93
C ALA C 59 -18.43 -57.25 31.83
N MET C 60 -17.30 -56.62 31.54
CA MET C 60 -16.81 -55.56 32.39
C MET C 60 -17.83 -54.41 32.66
N LYS C 61 -17.82 -53.94 33.91
CA LYS C 61 -18.72 -52.91 34.38
C LYS C 61 -17.88 -51.87 35.07
N ARG C 62 -18.38 -50.64 35.13
CA ARG C 62 -17.68 -49.58 35.87
C ARG C 62 -17.44 -49.93 37.32
N SER C 63 -18.44 -50.55 37.96
CA SER C 63 -18.35 -50.83 39.37
C SER C 63 -17.29 -51.88 39.69
N LEU C 64 -16.77 -52.58 38.68
CA LEU C 64 -15.76 -53.64 38.88
C LEU C 64 -14.31 -53.14 38.64
N ALA C 65 -14.18 -51.96 38.04
CA ALA C 65 -12.89 -51.29 37.93
C ALA C 65 -12.30 -50.95 39.31
N GLY C 66 -10.99 -51.09 39.45
CA GLY C 66 -10.31 -50.74 40.67
C GLY C 66 -9.16 -51.66 41.01
N ARG C 67 -8.62 -51.46 42.21
CA ARG C 67 -7.47 -52.19 42.73
C ARG C 67 -7.93 -53.49 43.39
N TYR C 68 -7.27 -54.58 43.02
CA TYR C 68 -7.53 -55.87 43.67
C TYR C 68 -6.22 -56.42 44.26
N ARG C 69 -6.31 -57.22 45.32
CA ARG C 69 -5.17 -58.00 45.78
C ARG C 69 -5.70 -59.34 46.21
N CYS C 70 -4.79 -60.33 46.26
CA CYS C 70 -5.11 -61.63 46.79
C CYS C 70 -4.05 -62.16 47.72
N SER C 71 -4.48 -63.14 48.48
CA SER C 71 -3.63 -63.78 49.45
C SER C 71 -4.10 -65.19 49.65
N TYR C 72 -3.29 -65.96 50.36
CA TYR C 72 -3.66 -67.30 50.73
C TYR C 72 -3.28 -67.62 52.17
N GLN C 73 -3.94 -68.66 52.67
CA GLN C 73 -3.78 -69.13 54.05
C GLN C 73 -3.44 -70.62 54.04
N ASN C 74 -2.48 -71.04 54.86
CA ASN C 74 -2.25 -72.47 55.01
C ASN C 74 -2.02 -72.92 56.45
N GLY C 75 -2.75 -73.97 56.83
CA GLY C 75 -2.91 -74.33 58.23
C GLY C 75 -3.28 -73.05 58.96
N SER C 76 -2.31 -72.50 59.67
CA SER C 76 -2.50 -71.24 60.35
C SER C 76 -2.24 -70.13 59.35
N LEU C 77 -1.02 -70.11 58.83
CA LEU C 77 -0.33 -68.88 58.40
C LEU C 77 -0.81 -68.26 57.09
N TRP C 78 -0.76 -66.93 57.01
CA TRP C 78 -1.30 -66.13 55.89
CA TRP C 78 -1.19 -66.32 55.77
C TRP C 78 -0.16 -65.46 55.11
N SER C 79 -0.20 -65.55 53.79
CA SER C 79 0.74 -64.92 52.94
C SER C 79 0.67 -63.40 53.06
N LEU C 80 1.67 -62.76 52.52
CA LEU C 80 1.59 -61.37 52.16
C LEU C 80 0.55 -61.25 51.05
N PRO C 81 0.00 -60.04 50.87
CA PRO C 81 -0.92 -59.82 49.76
C PRO C 81 -0.14 -59.77 48.46
N SER C 82 -0.80 -60.17 47.39
CA SER C 82 -0.20 -60.04 46.09
C SER C 82 0.07 -58.54 45.83
N ASP C 83 1.00 -58.26 44.92
CA ASP C 83 1.11 -56.96 44.32
C ASP C 83 -0.24 -56.59 43.75
N GLN C 84 -0.46 -55.28 43.75
CA GLN C 84 -1.76 -54.72 43.41
C GLN C 84 -2.06 -54.88 41.93
N LEU C 85 -3.26 -55.35 41.63
CA LEU C 85 -3.75 -55.47 40.27
C LEU C 85 -4.69 -54.30 40.01
N GLU C 86 -4.37 -53.48 39.02
CA GLU C 86 -5.15 -52.29 38.69
C GLU C 86 -6.04 -52.60 37.49
N LEU C 87 -7.32 -52.87 37.78
CA LEU C 87 -8.31 -53.26 36.77
C LEU C 87 -9.01 -52.02 36.23
N VAL C 88 -8.72 -51.72 34.96
CA VAL C 88 -9.24 -50.52 34.30
C VAL C 88 -10.35 -50.89 33.35
N ALA C 89 -11.48 -50.18 33.45
CA ALA C 89 -12.54 -50.21 32.44
C ALA C 89 -12.32 -49.10 31.38
N THR C 90 -12.23 -49.47 30.11
CA THR C 90 -12.20 -48.47 29.03
C THR C 90 -13.58 -48.37 28.39
N GLY C 91 -13.74 -47.36 27.53
CA GLY C 91 -14.99 -47.12 26.85
C GLY C 91 -16.08 -46.47 27.70
N VAL C 92 -15.69 -45.84 28.80
CA VAL C 92 -16.63 -45.23 29.73
C VAL C 92 -17.06 -43.86 29.23
N PHE C 93 -16.12 -43.15 28.60
CA PHE C 93 -16.34 -41.79 28.07
C PHE C 93 -16.07 -41.76 26.56
N ALA C 94 -16.60 -40.73 25.90
CA ALA C 94 -16.35 -40.55 24.47
C ALA C 94 -14.84 -40.52 24.20
N LYS C 95 -14.43 -41.04 23.04
CA LYS C 95 -13.01 -41.11 22.71
C LYS C 95 -12.40 -39.75 22.44
N PRO C 96 -11.13 -39.56 22.85
CA PRO C 96 -10.45 -38.32 22.48
C PRO C 96 -9.99 -38.38 21.02
N SER C 97 -9.42 -37.30 20.50
CA SER C 97 -8.86 -37.35 19.16
C SER C 97 -7.39 -37.03 19.30
N LEU C 98 -6.56 -37.89 18.69
CA LEU C 98 -5.13 -37.81 18.78
C LEU C 98 -4.56 -37.07 17.56
N SER C 99 -3.76 -36.05 17.83
CA SER C 99 -3.11 -35.30 16.76
C SER C 99 -1.60 -35.38 16.94
N ALA C 100 -0.88 -34.95 15.91
CA ALA C 100 0.55 -34.93 15.98
C ALA C 100 1.12 -33.83 15.07
N GLN C 101 2.40 -33.60 15.26
CA GLN C 101 3.15 -32.63 14.47
C GLN C 101 4.62 -32.95 14.68
N PRO C 102 5.47 -32.60 13.71
CA PRO C 102 6.90 -32.89 13.83
C PRO C 102 7.60 -32.09 14.95
N GLY C 103 8.64 -32.68 15.51
CA GLY C 103 9.44 -32.04 16.55
C GLY C 103 10.89 -31.96 16.15
N SER C 104 11.72 -31.54 17.09
CA SER C 104 13.17 -31.37 16.89
C SER C 104 13.81 -32.68 16.45
N GLY C 105 14.45 -32.66 15.29
CA GLY C 105 14.96 -33.87 14.68
C GLY C 105 13.87 -34.93 14.58
N GLY C 106 14.19 -36.15 15.02
CA GLY C 106 13.25 -37.28 15.00
C GLY C 106 12.34 -37.36 16.22
N ASP C 107 11.65 -36.26 16.53
CA ASP C 107 10.62 -36.24 17.55
C ASP C 107 9.27 -35.97 16.89
N VAL C 108 8.26 -36.62 17.44
CA VAL C 108 6.90 -36.24 17.18
C VAL C 108 6.29 -35.84 18.52
N THR C 109 5.55 -34.74 18.47
CA THR C 109 4.76 -34.27 19.58
C THR C 109 3.34 -34.74 19.33
N LEU C 110 2.82 -35.57 20.22
CA LEU C 110 1.44 -36.03 20.13
C LEU C 110 0.58 -35.30 21.14
N GLN C 111 -0.66 -35.08 20.76
CA GLN C 111 -1.58 -34.41 21.64
C GLN C 111 -2.92 -35.15 21.71
N CYS C 112 -3.31 -35.52 22.92
CA CYS C 112 -4.60 -36.19 23.15
C CYS C 112 -5.60 -35.11 23.53
N GLN C 113 -6.50 -34.76 22.61
CA GLN C 113 -7.48 -33.70 22.86
C GLN C 113 -8.85 -34.24 23.27
N THR C 114 -9.40 -33.71 24.36
CA THR C 114 -10.67 -34.17 24.90
C THR C 114 -11.54 -33.03 25.44
N ARG C 115 -12.85 -33.19 25.34
CA ARG C 115 -13.81 -32.15 25.71
C ARG C 115 -14.06 -32.04 27.21
N TYR C 116 -14.18 -33.19 27.88
CA TYR C 116 -14.36 -33.20 29.34
C TYR C 116 -13.12 -32.54 29.96
N GLY C 117 -13.22 -32.14 31.23
CA GLY C 117 -12.06 -31.70 32.00
C GLY C 117 -11.28 -32.88 32.56
N PHE C 118 -10.57 -33.59 31.68
CA PHE C 118 -9.73 -34.71 32.09
C PHE C 118 -8.28 -34.26 32.15
N ASP C 119 -7.57 -34.75 33.16
CA ASP C 119 -6.22 -34.27 33.46
C ASP C 119 -5.14 -35.32 33.30
N GLN C 120 -5.54 -36.57 33.05
CA GLN C 120 -4.59 -37.66 32.84
C GLN C 120 -4.78 -38.26 31.46
N PHE C 121 -3.69 -38.73 30.90
CA PHE C 121 -3.62 -39.17 29.53
C PHE C 121 -2.70 -40.36 29.45
N ALA C 122 -3.11 -41.38 28.72
CA ALA C 122 -2.29 -42.57 28.54
C ALA C 122 -2.21 -42.93 27.06
N LEU C 123 -0.99 -42.97 26.52
CA LEU C 123 -0.74 -43.15 25.10
C LEU C 123 0.02 -44.43 24.91
N TYR C 124 -0.37 -45.27 23.95
CA TYR C 124 0.45 -46.44 23.62
C TYR C 124 0.64 -46.70 22.12
N LYS C 125 1.76 -47.37 21.82
CA LYS C 125 2.10 -47.89 20.49
C LYS C 125 1.82 -49.38 20.50
N GLU C 126 1.09 -49.89 19.51
CA GLU C 126 0.73 -51.31 19.53
C GLU C 126 1.84 -52.21 18.99
N GLY C 127 1.87 -53.46 19.46
CA GLY C 127 2.94 -54.41 19.13
C GLY C 127 3.18 -55.42 20.24
N ASP C 128 4.25 -56.22 20.13
CA ASP C 128 4.62 -57.20 21.18
C ASP C 128 5.06 -56.50 22.48
N PRO C 129 6.17 -55.75 22.45
CA PRO C 129 6.40 -54.82 23.55
C PRO C 129 5.66 -53.50 23.32
N GLU C 130 4.41 -53.43 23.77
CA GLU C 130 3.62 -52.21 23.64
C GLU C 130 4.23 -51.12 24.51
N ARG C 131 4.76 -50.05 23.91
CA ARG C 131 5.31 -48.94 24.67
C ARG C 131 4.22 -47.98 25.13
N TRP C 132 4.12 -47.74 26.45
CA TRP C 132 3.07 -46.90 27.06
C TRP C 132 3.65 -45.61 27.62
N TYR C 133 2.86 -44.55 27.56
CA TYR C 133 3.29 -43.24 28.04
C TYR C 133 2.17 -42.66 28.89
N ARG C 134 2.49 -42.35 30.13
CA ARG C 134 1.53 -41.80 31.08
C ARG C 134 1.98 -40.37 31.33
N ALA C 135 1.09 -39.42 31.07
CA ALA C 135 1.38 -38.03 31.29
C ALA C 135 0.19 -37.36 31.97
N SER C 136 0.45 -36.17 32.52
CA SER C 136 -0.59 -35.35 33.15
C SER C 136 -0.97 -34.17 32.28
N PHE C 137 -0.34 -34.07 31.11
CA PHE C 137 -0.61 -33.00 30.13
C PHE C 137 -0.96 -33.68 28.83
N PRO C 138 -1.92 -33.13 28.08
CA PRO C 138 -2.34 -33.83 26.86
C PRO C 138 -1.27 -33.85 25.75
N ILE C 139 -0.15 -33.13 25.92
CA ILE C 139 0.95 -33.08 24.95
C ILE C 139 2.15 -33.96 25.37
N ILE C 140 2.54 -34.87 24.48
CA ILE C 140 3.53 -35.91 24.77
C ILE C 140 4.56 -35.97 23.63
N THR C 141 5.83 -35.72 23.94
CA THR C 141 6.91 -35.83 22.96
C THR C 141 7.40 -37.25 22.87
N VAL C 142 7.39 -37.79 21.65
CA VAL C 142 7.88 -39.12 21.39
C VAL C 142 9.09 -39.04 20.45
N THR C 143 10.06 -39.92 20.67
CA THR C 143 11.15 -40.15 19.73
C THR C 143 10.76 -41.31 18.81
N ALA C 144 10.69 -41.07 17.51
CA ALA C 144 10.22 -42.10 16.56
C ALA C 144 11.34 -42.64 15.69
N ALA C 145 12.04 -43.67 16.17
CA ALA C 145 13.02 -44.38 15.35
C ALA C 145 12.33 -45.41 14.47
N HIS C 146 11.10 -45.80 14.86
CA HIS C 146 10.37 -46.85 14.16
C HIS C 146 8.86 -46.55 13.99
N SER C 147 8.30 -47.08 12.92
CA SER C 147 6.90 -46.90 12.60
C SER C 147 6.01 -47.65 13.57
N GLY C 148 4.77 -47.19 13.72
CA GLY C 148 3.86 -47.75 14.70
C GLY C 148 2.51 -47.03 14.76
N THR C 149 1.54 -47.74 15.29
CA THR C 149 0.18 -47.25 15.40
C THR C 149 -0.08 -46.83 16.84
N TYR C 150 -0.43 -45.57 17.05
CA TYR C 150 -0.65 -45.02 18.37
C TYR C 150 -2.13 -44.76 18.64
N ARG C 151 -2.55 -45.02 19.86
CA ARG C 151 -3.88 -44.64 20.35
C ARG C 151 -3.73 -44.05 21.74
N CYS C 152 -4.65 -43.16 22.12
CA CYS C 152 -4.58 -42.53 23.44
C CYS C 152 -5.91 -42.64 24.19
N TYR C 153 -5.86 -42.47 25.51
CA TYR C 153 -7.00 -42.61 26.39
C TYR C 153 -6.96 -41.44 27.34
N SER C 154 -8.12 -40.85 27.61
CA SER C 154 -8.21 -39.77 28.61
C SER C 154 -8.97 -40.28 29.83
N PHE C 155 -8.60 -39.77 31.00
CA PHE C 155 -9.34 -40.03 32.22
C PHE C 155 -9.07 -38.94 33.27
N SER C 156 -9.91 -38.91 34.30
CA SER C 156 -9.74 -38.00 35.42
C SER C 156 -9.03 -38.73 36.56
N SER C 157 -8.11 -38.05 37.24
CA SER C 157 -7.37 -38.69 38.33
C SER C 157 -8.23 -38.78 39.60
N ARG C 158 -9.42 -38.16 39.55
CA ARG C 158 -10.44 -38.39 40.56
C ARG C 158 -11.01 -39.82 40.50
N ASP C 159 -11.05 -40.44 39.32
CA ASP C 159 -11.27 -41.89 39.22
C ASP C 159 -10.45 -42.50 38.09
N PRO C 160 -9.20 -42.84 38.40
CA PRO C 160 -8.21 -43.23 37.40
C PRO C 160 -8.34 -44.67 36.89
N TYR C 161 -9.43 -45.36 37.25
CA TYR C 161 -9.74 -46.70 36.73
C TYR C 161 -10.89 -46.69 35.70
N LEU C 162 -11.42 -45.50 35.42
CA LEU C 162 -12.43 -45.32 34.38
C LEU C 162 -11.90 -44.49 33.21
N TRP C 163 -11.59 -45.16 32.09
CA TRP C 163 -10.94 -44.52 30.94
C TRP C 163 -11.91 -44.33 29.80
N SER C 164 -11.62 -43.34 28.95
CA SER C 164 -12.34 -43.13 27.70
C SER C 164 -12.27 -44.35 26.81
N ALA C 165 -13.11 -44.39 25.77
CA ALA C 165 -12.81 -45.26 24.64
C ALA C 165 -11.43 -44.79 24.11
N PRO C 166 -10.66 -45.71 23.49
CA PRO C 166 -9.38 -45.29 22.89
C PRO C 166 -9.64 -44.40 21.69
N SER C 167 -8.78 -43.41 21.48
CA SER C 167 -8.82 -42.64 20.23
C SER C 167 -8.76 -43.57 19.02
N ASP C 168 -9.24 -43.09 17.88
CA ASP C 168 -8.88 -43.70 16.58
C ASP C 168 -7.35 -43.75 16.45
N PRO C 169 -6.80 -44.77 15.79
CA PRO C 169 -5.36 -44.91 15.73
C PRO C 169 -4.71 -43.81 14.89
N LEU C 170 -3.51 -43.41 15.26
CA LEU C 170 -2.72 -42.50 14.43
C LEU C 170 -1.50 -43.28 14.01
N GLU C 171 -1.38 -43.48 12.70
CA GLU C 171 -0.20 -44.15 12.15
C GLU C 171 0.96 -43.17 12.10
N LEU C 172 2.08 -43.62 12.65
CA LEU C 172 3.37 -42.95 12.59
C LEU C 172 4.22 -43.76 11.62
N VAL C 173 4.58 -43.15 10.48
CA VAL C 173 5.38 -43.80 9.47
C VAL C 173 6.76 -43.13 9.43
N VAL C 174 7.77 -43.91 9.85
CA VAL C 174 9.13 -43.38 9.97
C VAL C 174 9.94 -43.91 8.80
N THR C 175 10.35 -43.02 7.90
CA THR C 175 11.16 -43.46 6.78
C THR C 175 12.62 -43.44 7.22
N GLY C 176 12.97 -42.53 8.11
CA GLY C 176 14.31 -42.52 8.73
C GLY C 176 15.38 -42.00 7.75
N THR C 177 14.97 -41.42 6.61
CA THR C 177 15.91 -41.08 5.53
C THR C 177 16.59 -39.72 5.63
N SER C 178 16.02 -38.80 6.42
CA SER C 178 16.39 -37.38 6.33
C SER C 178 16.44 -36.85 4.85
N ALA C 179 15.53 -37.33 4.02
CA ALA C 179 15.50 -36.89 2.60
C ALA C 179 15.03 -35.46 2.47
N ALA C 180 14.21 -35.01 3.43
CA ALA C 180 13.67 -33.66 3.39
C ALA C 180 13.11 -33.28 4.78
N ALA C 181 12.93 -31.98 5.04
CA ALA C 181 12.53 -31.57 6.39
C ALA C 181 11.24 -32.30 6.79
N SER D 4 40.04 59.25 -55.82
CA SER D 4 39.64 60.44 -55.01
C SER D 4 39.07 60.09 -53.62
N GLY D 5 39.37 58.90 -53.13
CA GLY D 5 38.90 58.43 -51.83
C GLY D 5 37.41 58.17 -51.76
N PRO D 6 36.92 57.75 -50.59
CA PRO D 6 35.50 57.40 -50.45
C PRO D 6 34.52 58.57 -50.71
N LEU D 7 33.40 58.24 -51.33
CA LEU D 7 32.38 59.20 -51.62
C LEU D 7 31.72 59.66 -50.33
N PRO D 8 31.29 60.93 -50.28
CA PRO D 8 30.61 61.38 -49.08
C PRO D 8 29.31 60.60 -48.78
N LYS D 9 29.02 60.53 -47.49
CA LYS D 9 27.78 59.93 -46.98
CA LYS D 9 27.79 59.92 -46.97
C LYS D 9 27.37 60.69 -45.71
N PRO D 10 26.06 61.04 -45.58
CA PRO D 10 25.62 61.65 -44.34
C PRO D 10 25.36 60.62 -43.25
N SER D 11 25.13 61.09 -42.04
CA SER D 11 24.72 60.23 -40.95
C SER D 11 23.24 60.47 -40.71
N LEU D 12 22.54 59.41 -40.31
CA LEU D 12 21.14 59.52 -39.96
C LEU D 12 20.93 58.96 -38.55
N GLN D 13 20.39 59.76 -37.64
CA GLN D 13 20.13 59.27 -36.29
C GLN D 13 18.78 59.68 -35.74
N ALA D 14 18.27 58.85 -34.84
CA ALA D 14 16.98 59.07 -34.22
C ALA D 14 17.23 59.47 -32.79
N LEU D 15 16.57 60.54 -32.36
CA LEU D 15 16.64 61.00 -30.97
CA LEU D 15 16.65 61.00 -30.98
C LEU D 15 15.25 61.06 -30.37
N PRO D 16 15.08 60.62 -29.11
CA PRO D 16 16.17 60.14 -28.24
C PRO D 16 16.67 58.73 -28.57
N SER D 17 15.89 57.96 -29.34
CA SER D 17 16.24 56.59 -29.64
C SER D 17 15.52 56.06 -30.90
N SER D 18 16.09 55.04 -31.52
CA SER D 18 15.48 54.35 -32.65
C SER D 18 14.45 53.28 -32.24
N LEU D 19 14.37 52.99 -30.93
CA LEU D 19 13.36 52.12 -30.34
CA LEU D 19 13.32 52.12 -30.38
C LEU D 19 12.29 53.00 -29.72
N VAL D 20 11.11 53.11 -30.35
CA VAL D 20 10.15 54.14 -29.96
C VAL D 20 8.77 53.57 -29.59
N PRO D 21 8.34 53.77 -28.35
CA PRO D 21 6.98 53.29 -28.00
C PRO D 21 5.88 54.04 -28.76
N LEU D 22 4.84 53.34 -29.18
CA LEU D 22 3.73 53.98 -29.85
C LEU D 22 3.31 55.20 -29.05
N GLU D 23 2.95 56.26 -29.76
CA GLU D 23 2.53 57.54 -29.15
C GLU D 23 3.64 58.38 -28.48
N LYS D 24 4.90 57.96 -28.57
CA LYS D 24 6.02 58.76 -28.07
C LYS D 24 6.75 59.44 -29.24
N PRO D 25 7.32 60.63 -28.97
CA PRO D 25 7.99 61.40 -30.03
C PRO D 25 9.34 60.84 -30.42
N VAL D 26 9.70 61.00 -31.69
CA VAL D 26 11.07 60.71 -32.11
C VAL D 26 11.44 61.69 -33.22
N THR D 27 12.72 62.03 -33.31
CA THR D 27 13.21 62.94 -34.36
C THR D 27 14.29 62.20 -35.14
N LEU D 28 14.08 62.09 -36.45
CA LEU D 28 15.12 61.60 -37.37
C LEU D 28 15.89 62.78 -37.94
N ARG D 29 17.20 62.77 -37.74
CA ARG D 29 18.08 63.88 -38.12
C ARG D 29 19.19 63.39 -39.06
N CYS D 30 19.17 63.88 -40.31
CA CYS D 30 20.21 63.62 -41.29
C CYS D 30 21.23 64.73 -41.10
N GLN D 31 22.49 64.36 -40.94
CA GLN D 31 23.54 65.37 -40.79
C GLN D 31 24.62 65.24 -41.88
N GLY D 32 24.79 66.35 -42.59
CA GLY D 32 25.71 66.47 -43.72
C GLY D 32 26.53 67.72 -43.46
N PRO D 33 27.44 68.05 -44.37
CA PRO D 33 28.17 69.31 -44.28
C PRO D 33 27.26 70.57 -44.48
N PRO D 34 27.62 71.69 -43.82
CA PRO D 34 26.90 72.94 -43.90
C PRO D 34 26.82 73.41 -45.34
N GLY D 35 25.70 74.00 -45.73
CA GLY D 35 25.66 74.64 -47.05
C GLY D 35 25.55 73.77 -48.29
N VAL D 36 25.04 72.55 -48.16
CA VAL D 36 24.71 71.76 -49.36
C VAL D 36 23.32 72.19 -49.85
N ASP D 37 22.95 71.80 -51.06
CA ASP D 37 21.76 72.38 -51.69
C ASP D 37 20.49 71.71 -51.21
N LEU D 38 20.54 70.39 -51.03
CA LEU D 38 19.33 69.61 -50.73
C LEU D 38 19.66 68.36 -49.93
N TYR D 39 18.75 68.03 -49.01
CA TYR D 39 18.71 66.77 -48.28
C TYR D 39 17.48 66.00 -48.72
N ARG D 40 17.58 64.68 -48.70
CA ARG D 40 16.47 63.80 -49.02
C ARG D 40 16.45 62.65 -48.03
N LEU D 41 15.30 62.48 -47.37
CA LEU D 41 15.08 61.41 -46.43
C LEU D 41 14.02 60.45 -47.00
N GLU D 42 14.36 59.18 -47.09
CA GLU D 42 13.48 58.19 -47.69
C GLU D 42 13.26 57.00 -46.76
N LYS D 43 12.01 56.61 -46.68
CA LYS D 43 11.57 55.38 -46.02
C LYS D 43 11.48 54.31 -47.09
N LEU D 44 12.17 53.21 -46.88
CA LEU D 44 12.43 52.27 -47.94
C LEU D 44 11.17 51.53 -48.40
N SER D 45 10.25 51.23 -47.50
CA SER D 45 8.94 50.67 -47.88
C SER D 45 8.01 51.67 -48.58
N SER D 46 8.09 52.94 -48.23
CA SER D 46 7.16 53.94 -48.78
C SER D 46 7.45 54.33 -50.22
N SER D 47 6.45 54.99 -50.82
CA SER D 47 6.58 55.60 -52.12
C SER D 47 7.07 57.04 -52.06
N ARG D 48 7.26 57.59 -50.86
CA ARG D 48 7.50 59.02 -50.74
C ARG D 48 8.77 59.37 -49.97
N TYR D 49 9.47 60.39 -50.45
CA TYR D 49 10.60 60.98 -49.75
C TYR D 49 10.25 62.39 -49.30
N GLN D 50 10.99 62.90 -48.34
CA GLN D 50 10.91 64.32 -48.02
C GLN D 50 12.23 65.00 -48.36
N ASP D 51 12.16 66.29 -48.66
CA ASP D 51 13.33 67.08 -49.06
C ASP D 51 13.81 67.97 -47.91
N GLN D 52 13.87 67.41 -46.71
CA GLN D 52 14.39 68.16 -45.56
C GLN D 52 15.22 67.21 -44.70
N ALA D 53 16.14 67.78 -43.91
CA ALA D 53 17.11 67.02 -43.14
C ALA D 53 16.50 66.40 -41.88
N VAL D 54 15.38 66.95 -41.41
CA VAL D 54 14.78 66.55 -40.14
C VAL D 54 13.35 66.07 -40.34
N LEU D 55 13.04 64.92 -39.75
CA LEU D 55 11.68 64.40 -39.65
C LEU D 55 11.30 64.35 -38.19
N PHE D 56 10.31 65.15 -37.81
CA PHE D 56 9.80 65.13 -36.44
C PHE D 56 8.50 64.31 -36.36
N ILE D 57 8.54 63.22 -35.59
CA ILE D 57 7.37 62.36 -35.40
C ILE D 57 6.86 62.64 -34.01
N PRO D 58 5.71 63.35 -33.89
CA PRO D 58 5.30 63.68 -32.56
C PRO D 58 4.76 62.49 -31.76
N ALA D 59 4.21 61.50 -32.46
CA ALA D 59 3.61 60.38 -31.78
C ALA D 59 3.78 59.17 -32.64
N MET D 60 4.64 58.25 -32.21
CA MET D 60 4.99 57.10 -33.02
C MET D 60 3.76 56.24 -33.38
N LYS D 61 3.77 55.78 -34.63
CA LYS D 61 2.72 54.97 -35.23
C LYS D 61 3.35 53.76 -35.92
N ARG D 62 2.55 52.71 -36.02
CA ARG D 62 2.95 51.49 -36.67
C ARG D 62 3.38 51.74 -38.08
N SER D 63 2.62 52.53 -38.81
CA SER D 63 2.91 52.77 -40.21
C SER D 63 4.26 53.50 -40.43
N LEU D 64 4.84 54.09 -39.38
CA LEU D 64 6.11 54.84 -39.49
C LEU D 64 7.35 54.00 -39.18
N ALA D 65 7.14 52.82 -38.58
CA ALA D 65 8.24 51.90 -38.37
C ALA D 65 8.80 51.40 -39.70
N GLY D 66 10.11 51.13 -39.74
CA GLY D 66 10.76 50.55 -40.89
C GLY D 66 12.11 51.18 -41.12
N ARG D 67 12.66 50.98 -42.31
CA ARG D 67 14.03 51.34 -42.61
C ARG D 67 14.02 52.70 -43.27
N TYR D 68 14.95 53.56 -42.87
CA TYR D 68 15.09 54.88 -43.49
C TYR D 68 16.53 55.13 -43.90
N ARG D 69 16.71 56.00 -44.87
CA ARG D 69 18.08 56.49 -45.14
C ARG D 69 18.00 57.85 -45.78
N CYS D 70 19.12 58.57 -45.82
CA CYS D 70 19.13 59.89 -46.41
C CYS D 70 20.39 60.15 -47.16
N SER D 71 20.31 61.20 -47.94
CA SER D 71 21.30 61.58 -48.90
C SER D 71 21.29 63.09 -48.99
N TYR D 72 22.34 63.66 -49.57
CA TYR D 72 22.32 65.06 -49.89
C TYR D 72 22.85 65.32 -51.28
N GLN D 73 22.46 66.48 -51.82
CA GLN D 73 22.84 66.91 -53.16
C GLN D 73 23.58 68.24 -53.08
N ASN D 74 24.65 68.36 -53.85
CA ASN D 74 25.31 69.65 -53.99
C ASN D 74 25.80 69.92 -55.40
N GLY D 75 25.48 71.11 -55.90
CA GLY D 75 25.45 71.33 -57.34
C GLY D 75 24.41 70.33 -57.82
N SER D 76 24.85 69.38 -58.62
CA SER D 76 23.97 68.32 -59.13
C SER D 76 24.41 66.92 -58.69
N LEU D 77 25.41 66.84 -57.82
CA LEU D 77 26.00 65.58 -57.41
C LEU D 77 25.46 65.08 -56.09
N TRP D 78 25.10 63.80 -56.05
CA TRP D 78 24.46 63.21 -54.88
C TRP D 78 25.49 62.43 -54.09
N SER D 79 25.44 62.55 -52.77
CA SER D 79 26.14 61.66 -51.85
C SER D 79 25.68 60.23 -52.00
N LEU D 80 26.44 59.32 -51.44
CA LEU D 80 25.91 58.02 -51.14
C LEU D 80 24.81 58.21 -50.11
N PRO D 81 23.95 57.19 -49.92
CA PRO D 81 22.98 57.30 -48.84
C PRO D 81 23.65 56.96 -47.54
N SER D 82 23.01 57.36 -46.44
CA SER D 82 23.47 57.06 -45.11
C SER D 82 23.32 55.57 -44.89
N ASP D 83 24.00 55.05 -43.88
CA ASP D 83 23.69 53.75 -43.37
C ASP D 83 22.21 53.77 -42.98
N GLN D 84 21.60 52.59 -43.04
CA GLN D 84 20.17 52.42 -42.91
C GLN D 84 19.81 52.61 -41.46
N LEU D 85 18.78 53.41 -41.18
CA LEU D 85 18.25 53.52 -39.83
CA LEU D 85 18.27 53.50 -39.82
C LEU D 85 17.02 52.63 -39.70
N GLU D 86 17.02 51.77 -38.68
CA GLU D 86 15.92 50.85 -38.40
C GLU D 86 15.07 51.41 -37.26
N LEU D 87 13.94 52.01 -37.63
CA LEU D 87 13.07 52.66 -36.68
C LEU D 87 12.03 51.65 -36.24
N VAL D 88 12.06 51.32 -34.95
CA VAL D 88 11.21 50.29 -34.40
C VAL D 88 10.13 50.89 -33.53
N ALA D 89 8.88 50.50 -33.75
CA ALA D 89 7.78 50.83 -32.84
C ALA D 89 7.63 49.71 -31.79
N THR D 90 7.63 50.07 -30.52
CA THR D 90 7.32 49.07 -29.48
C THR D 90 5.93 49.34 -28.95
N GLY D 91 5.43 48.41 -28.13
CA GLY D 91 4.08 48.46 -27.57
C GLY D 91 2.98 48.12 -28.55
N VAL D 92 3.30 47.39 -29.61
CA VAL D 92 2.35 47.05 -30.68
C VAL D 92 1.49 45.88 -30.23
N PHE D 93 2.10 45.00 -29.45
CA PHE D 93 1.48 43.77 -28.91
C PHE D 93 1.67 43.69 -27.39
N ALA D 94 0.83 42.87 -26.74
CA ALA D 94 0.90 42.72 -25.29
C ALA D 94 2.32 42.33 -24.83
N LYS D 95 2.72 42.75 -23.63
CA LYS D 95 4.06 42.43 -23.14
C LYS D 95 4.23 40.91 -22.96
N PRO D 96 5.43 40.41 -23.23
CA PRO D 96 5.73 39.04 -22.80
C PRO D 96 6.05 38.99 -21.30
N SER D 97 6.20 37.80 -20.77
CA SER D 97 6.62 37.66 -19.38
C SER D 97 7.98 36.97 -19.39
N LEU D 98 8.92 37.56 -18.67
CA LEU D 98 10.27 37.09 -18.66
C LEU D 98 10.53 36.24 -17.41
N SER D 99 11.12 35.07 -17.62
CA SER D 99 11.45 34.21 -16.52
C SER D 99 12.94 33.84 -16.59
N ALA D 100 13.46 33.32 -15.49
CA ALA D 100 14.82 32.87 -15.45
C ALA D 100 14.98 31.64 -14.57
N GLN D 101 16.12 31.01 -14.72
CA GLN D 101 16.54 29.93 -13.81
C GLN D 101 18.05 29.87 -13.86
N PRO D 102 18.66 29.26 -12.83
CA PRO D 102 20.12 29.17 -12.80
C PRO D 102 20.70 28.22 -13.85
N GLY D 103 21.86 28.58 -14.38
CA GLY D 103 22.59 27.76 -15.35
C GLY D 103 23.88 27.27 -14.73
N SER D 104 24.76 26.70 -15.56
CA SER D 104 26.05 26.17 -15.09
C SER D 104 26.99 27.30 -14.67
N GLY D 105 27.40 27.28 -13.41
CA GLY D 105 28.25 28.34 -12.86
C GLY D 105 27.50 29.66 -12.83
N GLY D 106 28.18 30.72 -13.25
CA GLY D 106 27.60 32.06 -13.25
C GLY D 106 26.75 32.37 -14.47
N ASP D 107 25.98 31.37 -14.92
CA ASP D 107 25.08 31.52 -16.07
C ASP D 107 23.63 31.56 -15.59
N VAL D 108 22.82 32.33 -16.30
CA VAL D 108 21.38 32.32 -16.10
C VAL D 108 20.73 32.08 -17.45
N THR D 109 19.73 31.21 -17.44
CA THR D 109 18.92 31.00 -18.60
C THR D 109 17.67 31.84 -18.46
N LEU D 110 17.46 32.73 -19.42
CA LEU D 110 16.24 33.55 -19.44
C LEU D 110 15.27 33.05 -20.50
N GLN D 111 14.00 33.26 -20.24
CA GLN D 111 12.98 32.81 -21.16
C GLN D 111 11.91 33.87 -21.39
N CYS D 112 11.79 34.31 -22.62
CA CYS D 112 10.79 35.30 -23.00
C CYS D 112 9.54 34.54 -23.46
N GLN D 113 8.54 34.45 -22.57
CA GLN D 113 7.30 33.72 -22.86
C GLN D 113 6.19 34.57 -23.47
N THR D 114 5.74 34.18 -24.66
CA THR D 114 4.72 34.92 -25.40
C THR D 114 3.66 33.98 -25.97
N ARG D 115 2.44 34.50 -26.13
CA ARG D 115 1.32 33.70 -26.60
C ARG D 115 1.27 33.65 -28.12
N TYR D 116 1.23 34.82 -28.76
CA TYR D 116 1.16 34.91 -30.24
C TYR D 116 2.28 34.04 -30.85
N GLY D 117 2.15 33.73 -32.14
CA GLY D 117 3.23 33.07 -32.87
C GLY D 117 4.35 34.03 -33.18
N PHE D 118 5.22 34.26 -32.21
CA PHE D 118 6.36 35.14 -32.39
C PHE D 118 7.63 34.33 -32.34
N ASP D 119 8.52 34.62 -33.29
CA ASP D 119 9.72 33.82 -33.49
C ASP D 119 11.02 34.57 -33.27
N GLN D 120 10.92 35.86 -32.94
CA GLN D 120 12.09 36.67 -32.66
C GLN D 120 11.96 37.27 -31.28
N PHE D 121 13.11 37.45 -30.64
CA PHE D 121 13.17 37.92 -29.28
C PHE D 121 14.38 38.82 -29.10
N ALA D 122 14.19 39.91 -28.35
CA ALA D 122 15.25 40.82 -28.01
C ALA D 122 15.22 41.06 -26.51
N LEU D 123 16.37 40.93 -25.88
CA LEU D 123 16.54 41.03 -24.43
C LEU D 123 17.63 42.07 -24.20
N TYR D 124 17.43 42.96 -23.23
CA TYR D 124 18.51 43.85 -22.82
C TYR D 124 18.62 44.10 -21.31
N LYS D 125 19.85 44.38 -20.89
CA LYS D 125 20.18 44.85 -19.56
C LYS D 125 20.28 46.37 -19.59
N GLU D 126 19.59 47.07 -18.71
CA GLU D 126 19.61 48.53 -18.73
C GLU D 126 20.91 49.07 -18.11
N GLY D 127 21.34 50.24 -18.56
CA GLY D 127 22.61 50.85 -18.12
C GLY D 127 23.18 51.80 -19.17
N ASP D 128 24.38 52.33 -18.92
CA ASP D 128 25.04 53.21 -19.91
C ASP D 128 25.40 52.44 -21.17
N PRO D 129 26.21 51.36 -21.05
CA PRO D 129 26.25 50.41 -22.15
C PRO D 129 25.13 49.36 -21.97
N GLU D 130 23.97 49.61 -22.56
CA GLU D 130 22.88 48.64 -22.56
C GLU D 130 23.32 47.44 -23.39
N ARG D 131 23.51 46.28 -22.75
CA ARG D 131 23.85 45.05 -23.49
C ARG D 131 22.59 44.42 -24.06
N TRP D 132 22.61 44.12 -25.37
CA TRP D 132 21.47 43.55 -26.10
C TRP D 132 21.76 42.11 -26.55
N TYR D 133 20.74 41.28 -26.52
CA TYR D 133 20.83 39.90 -27.01
C TYR D 133 19.67 39.69 -27.98
N ARG D 134 19.95 39.12 -29.13
CA ARG D 134 18.90 38.81 -30.08
C ARG D 134 18.95 37.33 -30.34
N ALA D 135 17.78 36.70 -30.32
CA ALA D 135 17.65 35.27 -30.52
C ALA D 135 16.41 34.95 -31.32
N SER D 136 16.43 33.77 -31.92
CA SER D 136 15.28 33.19 -32.63
C SER D 136 14.56 32.16 -31.75
N PHE D 137 15.05 31.98 -30.53
CA PHE D 137 14.39 31.09 -29.56
C PHE D 137 14.09 31.96 -28.35
N PRO D 138 13.00 31.67 -27.64
CA PRO D 138 12.66 32.45 -26.47
C PRO D 138 13.56 32.15 -25.26
N ILE D 139 14.42 31.14 -25.37
CA ILE D 139 15.35 30.79 -24.29
C ILE D 139 16.76 31.29 -24.61
N ILE D 140 17.33 32.09 -23.70
CA ILE D 140 18.59 32.79 -23.91
C ILE D 140 19.47 32.63 -22.66
N THR D 141 20.64 32.02 -22.82
CA THR D 141 21.61 31.90 -21.73
C THR D 141 22.49 33.14 -21.63
N VAL D 142 22.57 33.72 -20.44
CA VAL D 142 23.41 34.88 -20.18
C VAL D 142 24.45 34.54 -19.11
N THR D 143 25.64 35.13 -19.20
CA THR D 143 26.65 35.08 -18.13
C THR D 143 26.55 36.33 -17.24
N ALA D 144 26.09 36.15 -16.01
CA ALA D 144 25.82 37.29 -15.13
C ALA D 144 26.98 37.56 -14.17
N ALA D 145 27.96 38.33 -14.64
CA ALA D 145 29.08 38.71 -13.80
C ALA D 145 28.70 39.89 -12.91
N HIS D 146 27.69 40.65 -13.33
CA HIS D 146 27.21 41.81 -12.58
C HIS D 146 25.68 41.90 -12.53
N SER D 147 25.19 42.56 -11.49
CA SER D 147 23.76 42.77 -11.33
C SER D 147 23.21 43.69 -12.41
N GLY D 148 21.90 43.62 -12.64
CA GLY D 148 21.27 44.40 -13.68
C GLY D 148 19.80 44.07 -13.85
N THR D 149 19.08 45.00 -14.48
CA THR D 149 17.65 44.84 -14.73
C THR D 149 17.42 44.48 -16.18
N TYR D 150 16.74 43.36 -16.39
CA TYR D 150 16.52 42.83 -17.72
C TYR D 150 15.06 42.97 -18.18
N ARG D 151 14.87 43.27 -19.46
CA ARG D 151 13.55 43.30 -20.09
C ARG D 151 13.64 42.63 -21.46
N CYS D 152 12.56 42.02 -21.90
CA CYS D 152 12.54 41.42 -23.23
C CYS D 152 11.37 41.93 -24.08
N TYR D 153 11.53 41.76 -25.39
CA TYR D 153 10.56 42.14 -26.38
C TYR D 153 10.41 40.97 -27.36
N SER D 154 9.19 40.69 -27.77
CA SER D 154 8.92 39.67 -28.75
C SER D 154 8.39 40.35 -30.00
N PHE D 155 8.70 39.75 -31.16
CA PHE D 155 8.15 40.17 -32.44
C PHE D 155 8.19 39.05 -33.47
N SER D 156 7.63 39.30 -34.65
CA SER D 156 7.70 38.35 -35.73
C SER D 156 8.65 38.80 -36.82
N SER D 157 9.34 37.86 -37.45
CA SER D 157 10.29 38.21 -38.52
C SER D 157 9.58 38.62 -39.81
N ARG D 158 8.27 38.37 -39.88
CA ARG D 158 7.43 38.89 -40.96
C ARG D 158 7.24 40.42 -40.94
N ASP D 159 7.28 41.03 -39.76
CA ASP D 159 7.47 42.49 -39.66
C ASP D 159 8.30 42.79 -38.44
N PRO D 160 9.62 42.78 -38.61
CA PRO D 160 10.54 42.89 -37.49
C PRO D 160 10.71 44.32 -36.94
N TYR D 161 9.95 45.28 -37.45
CA TYR D 161 9.97 46.67 -36.93
C TYR D 161 8.78 46.99 -36.01
N LEU D 162 7.89 46.01 -35.80
CA LEU D 162 6.78 46.11 -34.85
C LEU D 162 6.99 45.17 -33.66
N TRP D 163 7.31 45.75 -32.50
CA TRP D 163 7.66 44.96 -31.32
C TRP D 163 6.59 45.04 -30.25
N SER D 164 6.57 44.02 -29.39
CA SER D 164 5.69 44.00 -28.22
C SER D 164 5.98 45.18 -27.32
N ALA D 165 5.07 45.47 -26.38
CA ALA D 165 5.49 46.20 -25.20
C ALA D 165 6.63 45.41 -24.52
N PRO D 166 7.56 46.09 -23.83
CA PRO D 166 8.62 45.33 -23.15
C PRO D 166 8.03 44.56 -21.97
N SER D 167 8.60 43.39 -21.66
CA SER D 167 8.26 42.67 -20.42
C SER D 167 8.43 43.58 -19.20
N ASP D 168 7.71 43.31 -18.11
CA ASP D 168 8.11 43.84 -16.79
C ASP D 168 9.60 43.51 -16.50
N PRO D 169 10.29 44.35 -15.72
CA PRO D 169 11.71 44.08 -15.46
C PRO D 169 11.96 42.84 -14.58
N LEU D 170 13.08 42.16 -14.83
CA LEU D 170 13.56 41.07 -13.99
C LEU D 170 14.93 41.47 -13.48
N GLU D 171 15.07 41.64 -12.17
CA GLU D 171 16.37 41.96 -11.60
C GLU D 171 17.19 40.69 -11.49
N LEU D 172 18.43 40.78 -11.95
CA LEU D 172 19.44 39.80 -11.66
C LEU D 172 20.33 40.43 -10.63
N VAL D 173 20.40 39.80 -9.46
CA VAL D 173 21.24 40.25 -8.37
C VAL D 173 22.38 39.25 -8.26
N VAL D 174 23.60 39.70 -8.62
CA VAL D 174 24.79 38.85 -8.57
C VAL D 174 25.58 39.19 -7.33
N THR D 175 25.70 38.24 -6.42
CA THR D 175 26.47 38.46 -5.20
C THR D 175 27.89 38.05 -5.50
N GLY D 176 28.04 37.04 -6.35
CA GLY D 176 29.35 36.60 -6.82
C GLY D 176 30.20 35.92 -5.77
N THR D 177 29.58 35.44 -4.69
CA THR D 177 30.30 34.94 -3.53
C THR D 177 30.62 33.45 -3.57
N SER D 178 29.95 32.71 -4.46
CA SER D 178 29.88 31.24 -4.35
C SER D 178 29.70 30.72 -2.90
N ALA D 179 28.87 31.42 -2.13
CA ALA D 179 28.55 31.00 -0.75
C ALA D 179 27.72 29.72 -0.67
N ALA D 180 26.84 29.52 -1.65
CA ALA D 180 25.95 28.36 -1.68
C ALA D 180 25.55 28.15 -3.13
N ALA D 181 25.09 26.94 -3.49
CA ALA D 181 24.78 26.65 -4.90
C ALA D 181 23.73 27.63 -5.36
#